data_5C3R
#
_entry.id   5C3R
#
_cell.length_a   56.817
_cell.length_b   155.775
_cell.length_c   75.992
_cell.angle_alpha   90.000
_cell.angle_beta   91.650
_cell.angle_gamma   90.000
#
_symmetry.space_group_name_H-M   'P 1 21 1'
#
loop_
_entity.id
_entity.type
_entity.pdbx_description
1 polymer 'Thymine dioxygenase'
2 non-polymer 'NICKEL (II) ION'
3 non-polymer '2-OXOGLUTARIC ACID'
4 non-polymer '5-HYDROXYMETHYL URACIL'
5 non-polymer 1,2-ETHANEDIOL
6 water water
#
_entity_poly.entity_id   1
_entity_poly.type   'polypeptide(L)'
_entity_poly.pdbx_seq_one_letter_code
;GSMEKAAVNEDGLVIPLIDFSKFLEGDETLKLETAKAILHGFQTAGFIYLKNIPIQPDFREHVFNTSAKFFKLPKEKKLE
VGWTTPEANRGYSAPGREKVTQLTDPAEIEKIRSAAPDIKESYEIGREDEPGHPNPWPAEQDDLVGFKSTMNNFFDQCKA
LHIEVMRAIAVGMGIDANYFDSFVDVGDNILRLLHYPAVKSEVFKINPGQVRAGEHTDYGSITLLFQDSRGGLQVKSPNG
QFIDATPIENTVVVNAGDLLARWSNDTIKSTVHRVVEPPKQEDVHPPRYSIAYFCNPNHKSYIEAIPGTYAAESERKYEG
INSGKYLVQRLAATYLEHHHHHH
;
_entity_poly.pdbx_strand_id   A,B,C,D
#
# COMPACT_ATOMS: atom_id res chain seq x y z
N MET A 3 -22.62 10.22 4.09
CA MET A 3 -22.99 11.42 4.92
C MET A 3 -23.54 11.00 6.30
N GLU A 4 -24.38 9.97 6.36
CA GLU A 4 -24.75 9.36 7.66
C GLU A 4 -23.61 8.49 8.19
N LYS A 5 -23.57 8.29 9.50
CA LYS A 5 -22.65 7.33 10.11
C LYS A 5 -22.98 5.93 9.63
N ALA A 6 -21.96 5.18 9.23
CA ALA A 6 -22.15 3.81 8.73
C ALA A 6 -22.91 2.95 9.73
N ALA A 7 -23.82 2.11 9.23
CA ALA A 7 -24.50 1.13 10.07
C ALA A 7 -23.51 0.13 10.68
N VAL A 8 -22.55 -0.29 9.86
CA VAL A 8 -21.52 -1.23 10.28
C VAL A 8 -20.17 -0.76 9.73
N ASN A 9 -19.17 -0.74 10.59
CA ASN A 9 -17.82 -0.36 10.20
C ASN A 9 -16.79 -1.15 10.99
N GLU A 10 -16.44 -2.34 10.50
CA GLU A 10 -15.60 -3.27 11.26
C GLU A 10 -14.92 -4.33 10.38
N ASP A 11 -13.63 -4.54 10.64
CA ASP A 11 -12.83 -5.57 9.95
C ASP A 11 -12.81 -5.35 8.44
N GLY A 12 -12.80 -4.08 8.03
CA GLY A 12 -12.84 -3.72 6.62
C GLY A 12 -14.23 -3.77 6.01
N LEU A 13 -15.24 -4.17 6.78
CA LEU A 13 -16.62 -4.17 6.31
C LEU A 13 -17.26 -2.83 6.65
N VAL A 14 -17.66 -2.10 5.61
CA VAL A 14 -18.32 -0.81 5.78
C VAL A 14 -19.69 -0.90 5.12
N ILE A 15 -20.74 -0.93 5.94
CA ILE A 15 -22.11 -0.95 5.43
C ILE A 15 -22.72 0.42 5.71
N PRO A 16 -22.94 1.23 4.65
CA PRO A 16 -23.42 2.59 4.84
C PRO A 16 -24.88 2.61 5.30
N LEU A 17 -25.25 3.68 6.00
CA LEU A 17 -26.63 3.97 6.33
C LEU A 17 -27.06 5.11 5.43
N ILE A 18 -28.10 4.88 4.62
CA ILE A 18 -28.49 5.85 3.60
C ILE A 18 -29.95 6.25 3.80
N ASP A 19 -30.18 7.56 3.78
CA ASP A 19 -31.51 8.12 3.89
C ASP A 19 -32.18 8.09 2.52
N PHE A 20 -33.09 7.14 2.33
CA PHE A 20 -33.68 6.88 1.02
C PHE A 20 -34.62 7.99 0.54
N SER A 21 -35.22 8.73 1.48
CA SER A 21 -36.08 9.86 1.12
C SER A 21 -35.32 10.92 0.33
N LYS A 22 -34.01 10.99 0.52
CA LYS A 22 -33.17 11.93 -0.24
C LYS A 22 -32.98 11.50 -1.69
N PHE A 23 -33.12 10.21 -1.98
CA PHE A 23 -33.15 9.75 -3.37
C PHE A 23 -34.52 10.06 -3.99
N LEU A 24 -35.59 9.85 -3.23
CA LEU A 24 -36.94 10.04 -3.74
C LEU A 24 -37.40 11.50 -3.81
N GLU A 25 -36.93 12.33 -2.87
CA GLU A 25 -37.44 13.71 -2.75
C GLU A 25 -36.39 14.83 -2.88
N GLY A 26 -35.11 14.47 -3.03
CA GLY A 26 -34.06 15.48 -3.12
C GLY A 26 -34.08 16.26 -4.43
N ASP A 27 -33.37 17.39 -4.47
CA ASP A 27 -33.05 18.02 -5.76
C ASP A 27 -32.07 17.13 -6.52
N GLU A 28 -31.87 17.43 -7.81
CA GLU A 28 -31.04 16.59 -8.68
C GLU A 28 -29.67 16.22 -8.08
N THR A 29 -29.00 17.19 -7.45
CA THR A 29 -27.68 16.97 -6.85
C THR A 29 -27.75 15.94 -5.71
N LEU A 30 -28.66 16.18 -4.78
CA LEU A 30 -28.84 15.28 -3.64
C LEU A 30 -29.30 13.89 -4.09
N LYS A 31 -30.18 13.82 -5.10
CA LYS A 31 -30.64 12.53 -5.63
C LYS A 31 -29.49 11.72 -6.22
N LEU A 32 -28.63 12.38 -6.98
CA LEU A 32 -27.44 11.73 -7.55
C LEU A 32 -26.43 11.30 -6.49
N GLU A 33 -26.20 12.14 -5.49
CA GLU A 33 -25.28 11.83 -4.40
C GLU A 33 -25.73 10.58 -3.66
N THR A 34 -27.02 10.50 -3.38
CA THR A 34 -27.61 9.37 -2.69
C THR A 34 -27.56 8.10 -3.53
N ALA A 35 -27.91 8.20 -4.80
CA ALA A 35 -27.87 7.04 -5.72
C ALA A 35 -26.46 6.49 -5.81
N LYS A 36 -25.47 7.38 -5.91
CA LYS A 36 -24.06 6.97 -5.95
C LYS A 36 -23.62 6.32 -4.65
N ALA A 37 -24.15 6.81 -3.52
CA ALA A 37 -23.83 6.24 -2.21
C ALA A 37 -24.39 4.82 -2.12
N ILE A 38 -25.59 4.64 -2.66
CA ILE A 38 -26.28 3.34 -2.69
C ILE A 38 -25.49 2.34 -3.53
N LEU A 39 -25.15 2.73 -4.75
CA LEU A 39 -24.40 1.88 -5.65
C LEU A 39 -23.06 1.51 -5.04
N HIS A 40 -22.32 2.52 -4.59
CA HIS A 40 -21.01 2.30 -4.01
C HIS A 40 -21.09 1.28 -2.85
N GLY A 41 -22.15 1.35 -2.07
CA GLY A 41 -22.39 0.37 -1.01
C GLY A 41 -22.54 -1.05 -1.54
N PHE A 42 -23.35 -1.20 -2.59
CA PHE A 42 -23.48 -2.48 -3.27
C PHE A 42 -22.19 -2.97 -3.93
N GLN A 43 -21.38 -2.05 -4.44
CA GLN A 43 -20.13 -2.40 -5.12
C GLN A 43 -18.99 -2.80 -4.19
N THR A 44 -19.16 -2.60 -2.89
CA THR A 44 -18.08 -2.77 -1.93
C THR A 44 -18.48 -3.77 -0.85
N ALA A 45 -19.50 -3.45 -0.07
CA ALA A 45 -19.98 -4.36 0.97
C ALA A 45 -21.02 -5.34 0.45
N GLY A 46 -21.77 -4.94 -0.58
CA GLY A 46 -22.90 -5.72 -1.08
C GLY A 46 -24.14 -5.60 -0.20
N PHE A 47 -24.03 -4.76 0.84
CA PHE A 47 -25.07 -4.54 1.82
C PHE A 47 -25.17 -3.02 2.07
N ILE A 48 -26.39 -2.54 2.28
CA ILE A 48 -26.62 -1.19 2.79
C ILE A 48 -27.75 -1.24 3.81
N TYR A 49 -27.86 -0.20 4.63
CA TYR A 49 -29.05 0.03 5.44
C TYR A 49 -29.77 1.24 4.84
N LEU A 50 -31.09 1.16 4.69
CA LEU A 50 -31.88 2.31 4.31
C LEU A 50 -32.74 2.74 5.49
N LYS A 51 -32.78 4.05 5.72
CA LYS A 51 -33.72 4.68 6.65
C LYS A 51 -34.64 5.64 5.86
N ASN A 52 -35.75 6.02 6.49
CA ASN A 52 -36.77 6.88 5.85
C ASN A 52 -37.24 6.35 4.52
N ILE A 53 -37.62 5.08 4.49
CA ILE A 53 -38.20 4.46 3.30
C ILE A 53 -39.70 4.76 3.29
N PRO A 54 -40.36 4.63 2.12
CA PRO A 54 -41.79 4.96 2.06
C PRO A 54 -42.70 4.04 2.87
N ILE A 55 -42.24 2.83 3.20
CA ILE A 55 -43.01 1.91 4.04
C ILE A 55 -43.00 2.46 5.46
N GLN A 56 -44.18 2.59 6.07
CA GLN A 56 -44.32 3.28 7.36
C GLN A 56 -44.02 2.35 8.54
N PRO A 57 -43.43 2.90 9.63
CA PRO A 57 -43.08 2.10 10.81
C PRO A 57 -44.24 1.36 11.47
N ASP A 58 -45.38 2.03 11.64
CA ASP A 58 -46.52 1.40 12.33
C ASP A 58 -47.16 0.28 11.49
N PHE A 59 -47.10 0.41 10.17
CA PHE A 59 -47.55 -0.67 9.28
C PHE A 59 -46.58 -1.85 9.34
N ARG A 60 -45.28 -1.57 9.33
CA ARG A 60 -44.27 -2.63 9.50
C ARG A 60 -44.46 -3.37 10.82
N GLU A 61 -44.75 -2.65 11.90
CA GLU A 61 -44.99 -3.30 13.20
C GLU A 61 -46.28 -4.12 13.17
N HIS A 62 -47.32 -3.62 12.49
CA HIS A 62 -48.54 -4.39 12.29
C HIS A 62 -48.26 -5.68 11.52
N VAL A 63 -47.43 -5.58 10.48
CA VAL A 63 -47.05 -6.75 9.69
C VAL A 63 -46.27 -7.77 10.53
N PHE A 64 -45.41 -7.29 11.42
CA PHE A 64 -44.66 -8.18 12.32
C PHE A 64 -45.57 -8.89 13.32
N ASN A 65 -46.54 -8.16 13.87
CA ASN A 65 -47.56 -8.76 14.75
C ASN A 65 -48.38 -9.82 14.00
N THR A 66 -48.74 -9.50 12.76
CA THR A 66 -49.50 -10.41 11.89
C THR A 66 -48.70 -11.69 11.63
N SER A 67 -47.41 -11.54 11.35
CA SER A 67 -46.52 -12.69 11.15
C SER A 67 -46.43 -13.55 12.42
N ALA A 68 -46.28 -12.89 13.57
CA ALA A 68 -46.20 -13.58 14.84
C ALA A 68 -47.48 -14.38 15.14
N LYS A 69 -48.63 -13.87 14.71
CA LYS A 69 -49.90 -14.60 14.86
C LYS A 69 -49.94 -15.87 14.00
N PHE A 70 -49.34 -15.82 12.81
CA PHE A 70 -49.26 -17.02 11.97
C PHE A 70 -48.43 -18.13 12.63
N PHE A 71 -47.28 -17.77 13.20
CA PHE A 71 -46.39 -18.79 13.75
C PHE A 71 -46.88 -19.33 15.10
N LYS A 72 -47.79 -18.63 15.77
CA LYS A 72 -48.46 -19.14 16.98
C LYS A 72 -49.53 -20.20 16.66
N LEU A 73 -49.90 -20.31 15.39
CA LEU A 73 -50.85 -21.32 14.92
C LEU A 73 -50.31 -22.72 15.25
N PRO A 74 -51.21 -23.68 15.55
CA PRO A 74 -50.82 -25.07 15.83
C PRO A 74 -49.98 -25.69 14.70
N LYS A 75 -49.07 -26.59 15.07
CA LYS A 75 -48.19 -27.26 14.11
C LYS A 75 -48.95 -27.82 12.90
N GLU A 76 -50.13 -28.41 13.17
CA GLU A 76 -50.92 -29.06 12.12
C GLU A 76 -51.49 -28.07 11.11
N LYS A 77 -51.84 -26.87 11.57
CA LYS A 77 -52.43 -25.85 10.71
C LYS A 77 -51.39 -25.23 9.78
N LYS A 78 -50.14 -25.21 10.25
CA LYS A 78 -49.04 -24.64 9.48
C LYS A 78 -48.57 -25.62 8.40
N LEU A 79 -48.56 -26.92 8.72
CA LEU A 79 -48.22 -27.96 7.74
C LEU A 79 -49.29 -28.10 6.66
N GLU A 80 -50.53 -27.73 6.97
CA GLU A 80 -51.61 -27.73 5.97
C GLU A 80 -51.26 -26.84 4.78
N VAL A 81 -50.61 -25.71 5.06
CA VAL A 81 -50.21 -24.76 4.01
C VAL A 81 -48.71 -24.88 3.75
N GLY A 82 -48.24 -26.13 3.71
CA GLY A 82 -46.82 -26.43 3.63
C GLY A 82 -46.18 -26.12 2.29
N TRP A 83 -44.87 -25.90 2.32
CA TRP A 83 -44.07 -25.69 1.13
C TRP A 83 -44.06 -26.98 0.33
N THR A 84 -44.29 -26.88 -0.97
CA THR A 84 -44.43 -28.06 -1.83
C THR A 84 -43.21 -28.28 -2.71
N THR A 85 -43.04 -27.41 -3.71
CA THR A 85 -41.98 -27.58 -4.69
C THR A 85 -41.13 -26.30 -4.83
N PRO A 86 -39.89 -26.46 -5.33
CA PRO A 86 -39.04 -25.30 -5.63
C PRO A 86 -39.59 -24.37 -6.70
N GLU A 87 -40.38 -24.90 -7.63
CA GLU A 87 -40.90 -24.05 -8.71
C GLU A 87 -42.10 -23.21 -8.25
N ALA A 88 -42.79 -23.66 -7.21
CA ALA A 88 -43.81 -22.86 -6.55
C ALA A 88 -43.14 -21.92 -5.54
N ASN A 89 -42.23 -22.47 -4.74
CA ASN A 89 -41.50 -21.72 -3.71
C ASN A 89 -42.42 -20.92 -2.77
N ARG A 90 -43.52 -21.55 -2.37
CA ARG A 90 -44.53 -20.91 -1.53
C ARG A 90 -44.99 -21.84 -0.42
N GLY A 91 -45.18 -21.29 0.77
CA GLY A 91 -45.77 -22.03 1.88
C GLY A 91 -44.85 -22.22 3.07
N TYR A 92 -45.30 -23.05 4.01
CA TYR A 92 -44.64 -23.19 5.30
C TYR A 92 -43.59 -24.28 5.31
N SER A 93 -42.47 -24.02 5.99
CA SER A 93 -41.46 -25.06 6.23
C SER A 93 -40.66 -24.85 7.51
N ALA A 94 -40.20 -25.95 8.07
CA ALA A 94 -39.26 -25.94 9.18
C ALA A 94 -38.28 -27.06 8.94
N PRO A 95 -36.97 -26.78 9.00
CA PRO A 95 -36.00 -27.82 8.67
C PRO A 95 -36.09 -29.02 9.62
N GLY A 96 -36.23 -30.21 9.03
CA GLY A 96 -36.26 -31.45 9.79
C GLY A 96 -34.87 -32.04 9.91
N ARG A 97 -34.74 -33.02 10.78
CA ARG A 97 -33.49 -33.75 10.94
C ARG A 97 -33.47 -34.87 9.90
N GLU A 98 -32.35 -35.00 9.21
CA GLU A 98 -32.15 -36.07 8.24
C GLU A 98 -32.07 -37.41 8.97
N LYS A 99 -32.61 -38.46 8.36
CA LYS A 99 -32.68 -39.78 8.98
C LYS A 99 -31.67 -40.74 8.37
N VAL A 100 -31.04 -41.55 9.22
CA VAL A 100 -30.20 -42.65 8.75
C VAL A 100 -31.11 -43.76 8.25
N THR A 101 -30.76 -44.35 7.12
CA THR A 101 -31.60 -45.36 6.48
C THR A 101 -30.72 -46.42 5.79
N GLN A 102 -31.35 -47.50 5.34
CA GLN A 102 -30.63 -48.59 4.66
C GLN A 102 -29.78 -48.10 3.48
N LEU A 103 -30.31 -47.13 2.74
CA LEU A 103 -29.63 -46.54 1.58
C LEU A 103 -28.45 -45.62 1.92
N THR A 104 -28.41 -45.07 3.13
CA THR A 104 -27.39 -44.07 3.47
C THR A 104 -25.99 -44.69 3.50
N ASP A 105 -25.01 -43.94 3.01
CA ASP A 105 -23.62 -44.39 3.05
C ASP A 105 -23.08 -44.25 4.48
N PRO A 106 -22.38 -45.30 4.98
CA PRO A 106 -21.86 -45.27 6.36
C PRO A 106 -20.82 -44.18 6.64
N ALA A 107 -20.20 -43.64 5.59
CA ALA A 107 -19.30 -42.50 5.73
C ALA A 107 -20.05 -41.25 6.21
N GLU A 108 -21.34 -41.16 5.85
CA GLU A 108 -22.18 -40.01 6.16
C GLU A 108 -22.90 -40.13 7.52
N ILE A 109 -22.97 -41.35 8.05
CA ILE A 109 -23.82 -41.65 9.22
C ILE A 109 -23.38 -40.90 10.47
N GLU A 110 -22.08 -40.77 10.68
CA GLU A 110 -21.55 -40.03 11.83
C GLU A 110 -21.96 -38.56 11.74
N LYS A 111 -21.99 -38.03 10.51
CA LYS A 111 -22.35 -36.63 10.26
C LYS A 111 -23.85 -36.38 10.38
N ILE A 112 -24.66 -37.27 9.79
CA ILE A 112 -26.13 -37.16 9.86
C ILE A 112 -26.63 -37.17 11.31
N ARG A 113 -26.10 -38.08 12.12
CA ARG A 113 -26.47 -38.16 13.54
C ARG A 113 -26.06 -36.92 14.34
N SER A 114 -24.96 -36.30 13.93
CA SER A 114 -24.44 -35.11 14.64
C SER A 114 -25.02 -33.81 14.11
N ALA A 115 -25.60 -33.84 12.91
CA ALA A 115 -26.13 -32.65 12.26
C ALA A 115 -27.20 -31.95 13.11
N ALA A 116 -27.15 -30.61 13.11
CA ALA A 116 -28.10 -29.80 13.85
C ALA A 116 -28.80 -28.85 12.88
N PRO A 117 -30.10 -29.05 12.65
CA PRO A 117 -30.81 -28.19 11.71
C PRO A 117 -31.04 -26.78 12.27
N ASP A 118 -31.13 -25.79 11.38
CA ASP A 118 -31.36 -24.40 11.77
C ASP A 118 -32.61 -24.28 12.65
N ILE A 119 -32.52 -23.53 13.74
CA ILE A 119 -33.65 -23.35 14.66
C ILE A 119 -34.50 -22.21 14.11
N LYS A 120 -35.31 -22.52 13.10
CA LYS A 120 -36.15 -21.52 12.44
C LYS A 120 -37.38 -22.16 11.83
N GLU A 121 -38.36 -21.34 11.49
CA GLU A 121 -39.47 -21.76 10.64
C GLU A 121 -39.83 -20.59 9.74
N SER A 122 -40.38 -20.88 8.58
CA SER A 122 -40.67 -19.84 7.61
C SER A 122 -41.99 -20.04 6.91
N TYR A 123 -42.48 -18.96 6.31
CA TYR A 123 -43.67 -19.00 5.48
C TYR A 123 -43.49 -18.03 4.32
N GLU A 124 -43.59 -18.56 3.11
CA GLU A 124 -43.26 -17.79 1.92
C GLU A 124 -44.49 -17.49 1.05
N ILE A 125 -44.63 -16.22 0.69
CA ILE A 125 -45.73 -15.70 -0.10
C ILE A 125 -45.19 -15.12 -1.40
N GLY A 126 -45.71 -15.59 -2.53
CA GLY A 126 -45.39 -15.03 -3.85
C GLY A 126 -46.50 -14.10 -4.30
N ARG A 127 -46.36 -13.54 -5.50
CA ARG A 127 -47.43 -12.70 -6.06
C ARG A 127 -48.67 -13.55 -6.33
N GLU A 128 -49.84 -12.97 -6.12
CA GLU A 128 -51.11 -13.69 -6.13
C GLU A 128 -51.52 -14.28 -7.47
N ASP A 129 -51.14 -13.62 -8.55
CA ASP A 129 -51.70 -13.92 -9.87
C ASP A 129 -50.72 -14.67 -10.78
N GLU A 130 -49.74 -15.37 -10.20
CA GLU A 130 -48.81 -16.12 -11.03
C GLU A 130 -49.53 -17.38 -11.53
N PRO A 131 -49.61 -17.55 -12.87
CA PRO A 131 -50.24 -18.72 -13.44
C PRO A 131 -49.67 -20.02 -12.85
N GLY A 132 -50.56 -20.86 -12.32
CA GLY A 132 -50.20 -22.19 -11.84
C GLY A 132 -49.48 -22.28 -10.51
N HIS A 133 -49.37 -21.17 -9.78
CA HIS A 133 -48.69 -21.18 -8.47
C HIS A 133 -49.43 -20.36 -7.42
N PRO A 134 -50.63 -20.77 -7.04
CA PRO A 134 -51.36 -20.00 -6.03
C PRO A 134 -50.69 -20.10 -4.65
N ASN A 135 -50.77 -19.03 -3.87
CA ASN A 135 -50.28 -19.04 -2.49
C ASN A 135 -51.19 -19.89 -1.60
N PRO A 136 -50.58 -20.75 -0.75
CA PRO A 136 -51.37 -21.55 0.19
C PRO A 136 -51.70 -20.74 1.45
N TRP A 137 -52.78 -19.98 1.40
CA TRP A 137 -53.17 -19.11 2.51
C TRP A 137 -53.83 -19.91 3.62
N PRO A 138 -53.53 -19.57 4.90
CA PRO A 138 -54.22 -20.20 6.02
C PRO A 138 -55.64 -19.66 6.14
N ALA A 139 -56.50 -20.35 6.89
CA ALA A 139 -57.90 -19.94 7.02
C ALA A 139 -58.03 -18.62 7.79
N GLU A 140 -58.88 -17.73 7.27
CA GLU A 140 -59.10 -16.42 7.87
C GLU A 140 -60.07 -16.54 9.06
N GLN A 141 -59.54 -16.95 10.22
CA GLN A 141 -60.36 -17.05 11.43
C GLN A 141 -59.59 -16.60 12.68
N ASP A 142 -60.34 -16.07 13.64
CA ASP A 142 -59.79 -15.61 14.92
C ASP A 142 -58.62 -14.66 14.59
N ASP A 143 -57.44 -14.91 15.15
CA ASP A 143 -56.31 -13.98 15.06
C ASP A 143 -55.78 -13.76 13.65
N LEU A 144 -56.08 -14.69 12.73
CA LEU A 144 -55.57 -14.57 11.36
C LEU A 144 -56.53 -13.86 10.40
N VAL A 145 -57.68 -13.38 10.90
CA VAL A 145 -58.52 -12.50 10.08
C VAL A 145 -57.67 -11.28 9.71
N GLY A 146 -57.51 -11.04 8.41
CA GLY A 146 -56.70 -9.95 7.90
C GLY A 146 -55.29 -10.33 7.49
N PHE A 147 -54.94 -11.60 7.69
CA PHE A 147 -53.60 -12.09 7.35
C PHE A 147 -53.29 -11.87 5.87
N LYS A 148 -54.21 -12.29 5.01
CA LYS A 148 -54.01 -12.18 3.56
C LYS A 148 -53.87 -10.74 3.10
N SER A 149 -54.86 -9.90 3.42
CA SER A 149 -54.87 -8.52 2.93
C SER A 149 -53.65 -7.75 3.43
N THR A 150 -53.25 -8.02 4.66
CA THR A 150 -52.06 -7.39 5.25
C THR A 150 -50.79 -7.76 4.48
N MET A 151 -50.59 -9.05 4.21
CA MET A 151 -49.36 -9.53 3.59
C MET A 151 -49.30 -9.21 2.10
N ASN A 152 -50.43 -9.27 1.41
CA ASN A 152 -50.50 -8.83 0.02
C ASN A 152 -50.19 -7.34 -0.09
N ASN A 153 -50.71 -6.57 0.85
CA ASN A 153 -50.43 -5.13 0.93
C ASN A 153 -48.94 -4.89 1.11
N PHE A 154 -48.33 -5.62 2.05
CA PHE A 154 -46.90 -5.51 2.31
C PHE A 154 -46.06 -5.97 1.12
N PHE A 155 -46.48 -7.06 0.47
CA PHE A 155 -45.83 -7.54 -0.76
C PHE A 155 -45.73 -6.43 -1.82
N ASP A 156 -46.85 -5.74 -2.05
CA ASP A 156 -46.90 -4.67 -3.08
C ASP A 156 -46.09 -3.43 -2.71
N GLN A 157 -46.05 -3.08 -1.42
CA GLN A 157 -45.19 -1.98 -0.97
C GLN A 157 -43.71 -2.31 -1.12
N CYS A 158 -43.31 -3.54 -0.80
CA CYS A 158 -41.94 -3.99 -1.02
C CYS A 158 -41.63 -4.09 -2.51
N LYS A 159 -42.62 -4.53 -3.29
CA LYS A 159 -42.51 -4.55 -4.75
C LYS A 159 -42.19 -3.16 -5.29
N ALA A 160 -42.92 -2.15 -4.81
CA ALA A 160 -42.64 -0.75 -5.19
C ALA A 160 -41.24 -0.33 -4.77
N LEU A 161 -40.85 -0.65 -3.54
CA LEU A 161 -39.52 -0.28 -3.04
C LEU A 161 -38.39 -0.92 -3.88
N HIS A 162 -38.57 -2.18 -4.28
CA HIS A 162 -37.61 -2.86 -5.18
C HIS A 162 -37.34 -2.03 -6.42
N ILE A 163 -38.42 -1.66 -7.12
CA ILE A 163 -38.30 -0.86 -8.33
C ILE A 163 -37.49 0.41 -8.06
N GLU A 164 -37.80 1.08 -6.94
CA GLU A 164 -37.13 2.33 -6.57
C GLU A 164 -35.63 2.16 -6.26
N VAL A 165 -35.28 1.06 -5.59
CA VAL A 165 -33.86 0.79 -5.30
C VAL A 165 -33.08 0.49 -6.57
N MET A 166 -33.70 -0.18 -7.55
CA MET A 166 -33.02 -0.47 -8.82
C MET A 166 -32.82 0.84 -9.60
N ARG A 167 -33.82 1.72 -9.57
CA ARG A 167 -33.68 3.07 -10.15
C ARG A 167 -32.49 3.83 -9.55
N ALA A 168 -32.33 3.77 -8.23
CA ALA A 168 -31.15 4.36 -7.58
C ALA A 168 -29.86 3.74 -8.11
N ILE A 169 -29.86 2.42 -8.29
CA ILE A 169 -28.69 1.74 -8.85
C ILE A 169 -28.42 2.23 -10.28
N ALA A 170 -29.49 2.37 -11.07
CA ALA A 170 -29.37 2.82 -12.45
C ALA A 170 -28.82 4.25 -12.50
N VAL A 171 -29.38 5.14 -11.69
CA VAL A 171 -28.93 6.53 -11.62
C VAL A 171 -27.47 6.62 -11.17
N GLY A 172 -27.11 5.80 -10.18
CA GLY A 172 -25.74 5.76 -9.68
C GLY A 172 -24.74 5.25 -10.71
N MET A 173 -25.20 4.36 -11.60
CA MET A 173 -24.40 3.85 -12.70
C MET A 173 -24.32 4.85 -13.85
N GLY A 174 -25.20 5.84 -13.86
CA GLY A 174 -25.25 6.83 -14.93
C GLY A 174 -25.91 6.32 -16.19
N ILE A 175 -26.72 5.26 -16.07
CA ILE A 175 -27.49 4.74 -17.20
C ILE A 175 -28.92 5.26 -17.10
N ASP A 176 -29.76 4.91 -18.06
CA ASP A 176 -31.15 5.33 -18.03
C ASP A 176 -31.77 4.98 -16.67
N ALA A 177 -32.38 5.97 -16.03
CA ALA A 177 -32.98 5.82 -14.70
C ALA A 177 -33.96 4.65 -14.60
N ASN A 178 -34.69 4.40 -15.69
CA ASN A 178 -35.72 3.37 -15.73
C ASN A 178 -35.24 2.06 -16.38
N TYR A 179 -33.92 1.89 -16.56
CA TYR A 179 -33.35 0.70 -17.21
C TYR A 179 -33.93 -0.61 -16.69
N PHE A 180 -34.06 -0.72 -15.37
CA PHE A 180 -34.42 -2.00 -14.75
C PHE A 180 -35.94 -2.25 -14.75
N ASP A 181 -36.74 -1.22 -14.98
CA ASP A 181 -38.21 -1.33 -14.86
C ASP A 181 -38.78 -2.55 -15.60
N SER A 182 -38.42 -2.70 -16.87
CA SER A 182 -38.95 -3.79 -17.70
C SER A 182 -38.37 -5.16 -17.34
N PHE A 183 -37.29 -5.16 -16.55
CA PHE A 183 -36.70 -6.40 -16.06
C PHE A 183 -37.28 -6.85 -14.72
N VAL A 184 -38.05 -5.98 -14.05
CA VAL A 184 -38.57 -6.27 -12.71
C VAL A 184 -40.05 -5.91 -12.50
N ASP A 185 -40.75 -5.43 -13.53
CA ASP A 185 -42.13 -4.92 -13.34
C ASP A 185 -43.19 -5.99 -13.04
N VAL A 186 -42.88 -7.26 -13.28
CA VAL A 186 -43.85 -8.33 -13.03
C VAL A 186 -44.00 -8.62 -11.52
N GLY A 187 -42.93 -8.38 -10.76
CA GLY A 187 -42.98 -8.61 -9.32
C GLY A 187 -42.92 -10.09 -8.97
N ASP A 188 -42.00 -10.81 -9.60
CA ASP A 188 -41.79 -12.23 -9.31
C ASP A 188 -40.93 -12.39 -8.05
N ASN A 189 -41.42 -11.82 -6.95
CA ASN A 189 -40.68 -11.72 -5.71
C ASN A 189 -41.24 -12.68 -4.69
N ILE A 190 -40.50 -12.91 -3.61
CA ILE A 190 -40.92 -13.82 -2.56
C ILE A 190 -40.81 -13.17 -1.19
N LEU A 191 -41.95 -13.05 -0.52
CA LEU A 191 -42.03 -12.52 0.84
C LEU A 191 -41.85 -13.68 1.81
N ARG A 192 -40.67 -13.76 2.42
CA ARG A 192 -40.40 -14.81 3.40
C ARG A 192 -40.55 -14.28 4.83
N LEU A 193 -41.59 -14.74 5.51
CA LEU A 193 -41.76 -14.46 6.94
C LEU A 193 -40.92 -15.48 7.70
N LEU A 194 -40.20 -15.00 8.72
CA LEU A 194 -39.30 -15.85 9.48
C LEU A 194 -39.57 -15.72 10.97
N HIS A 195 -39.53 -16.85 11.65
CA HIS A 195 -39.62 -16.90 13.09
C HIS A 195 -38.55 -17.85 13.60
N TYR A 196 -37.65 -17.31 14.41
CA TYR A 196 -36.61 -18.08 15.08
C TYR A 196 -37.03 -18.21 16.53
N PRO A 197 -37.57 -19.39 16.92
CA PRO A 197 -38.17 -19.54 18.25
C PRO A 197 -37.22 -19.25 19.41
N ALA A 198 -37.81 -19.02 20.59
CA ALA A 198 -37.04 -18.87 21.81
C ALA A 198 -36.22 -20.14 21.99
N VAL A 199 -34.95 -19.96 22.31
CA VAL A 199 -34.03 -21.10 22.44
C VAL A 199 -33.04 -20.83 23.56
N LYS A 200 -32.72 -21.87 24.32
CA LYS A 200 -31.73 -21.77 25.39
C LYS A 200 -30.34 -21.71 24.78
N SER A 201 -29.48 -20.86 25.35
CA SER A 201 -28.13 -20.70 24.83
C SER A 201 -27.29 -21.98 24.95
N GLU A 202 -27.66 -22.86 25.90
CA GLU A 202 -26.97 -24.14 26.06
C GLU A 202 -27.14 -25.07 24.86
N VAL A 203 -28.26 -24.92 24.13
CA VAL A 203 -28.51 -25.68 22.90
C VAL A 203 -27.37 -25.48 21.89
N PHE A 204 -26.78 -24.29 21.86
CA PHE A 204 -25.67 -23.97 20.97
C PHE A 204 -24.33 -24.60 21.40
N LYS A 205 -24.24 -25.02 22.65
CA LYS A 205 -23.07 -25.76 23.16
C LYS A 205 -23.27 -27.27 23.01
N ILE A 206 -24.50 -27.74 23.27
CA ILE A 206 -24.84 -29.16 23.13
C ILE A 206 -24.72 -29.59 21.68
N ASN A 207 -25.21 -28.75 20.78
CA ASN A 207 -25.07 -28.95 19.33
C ASN A 207 -24.04 -27.97 18.78
N PRO A 208 -22.74 -28.28 18.90
CA PRO A 208 -21.76 -27.30 18.39
C PRO A 208 -21.88 -27.15 16.87
N GLY A 209 -21.82 -25.91 16.39
CA GLY A 209 -22.07 -25.61 14.98
C GLY A 209 -23.51 -25.20 14.71
N GLN A 210 -24.38 -25.35 15.71
CA GLN A 210 -25.78 -24.94 15.62
C GLN A 210 -25.91 -23.44 15.34
N VAL A 211 -26.77 -23.08 14.39
CA VAL A 211 -27.09 -21.68 14.10
C VAL A 211 -28.59 -21.46 13.91
N ARG A 212 -29.00 -20.20 13.86
CA ARG A 212 -30.39 -19.86 13.56
C ARG A 212 -30.66 -19.87 12.05
N ALA A 213 -29.69 -19.42 11.25
CA ALA A 213 -29.75 -19.54 9.79
C ALA A 213 -28.36 -19.76 9.22
N GLY A 214 -28.18 -20.81 8.42
CA GLY A 214 -26.88 -21.17 7.88
C GLY A 214 -26.34 -20.11 6.92
N GLU A 215 -25.01 -20.02 6.82
CA GLU A 215 -24.39 -19.10 5.89
C GLU A 215 -24.80 -19.39 4.46
N HIS A 216 -24.98 -18.32 3.68
CA HIS A 216 -25.41 -18.44 2.31
C HIS A 216 -25.28 -17.10 1.63
N THR A 217 -25.46 -17.11 0.31
CA THR A 217 -25.72 -15.92 -0.46
C THR A 217 -27.17 -16.02 -0.93
N ASP A 218 -27.86 -14.89 -1.03
CA ASP A 218 -29.19 -14.84 -1.66
C ASP A 218 -29.05 -14.97 -3.17
N TYR A 219 -30.15 -15.33 -3.83
CA TYR A 219 -30.14 -15.77 -5.22
C TYR A 219 -30.48 -14.67 -6.23
N GLY A 220 -31.33 -13.73 -5.83
CA GLY A 220 -31.99 -12.82 -6.76
C GLY A 220 -31.26 -11.52 -7.04
N SER A 221 -32.02 -10.45 -7.25
CA SER A 221 -31.45 -9.13 -7.51
C SER A 221 -31.07 -8.45 -6.19
N ILE A 222 -32.08 -8.15 -5.36
CA ILE A 222 -31.85 -7.65 -4.01
C ILE A 222 -32.80 -8.32 -3.03
N THR A 223 -32.47 -8.20 -1.75
CA THR A 223 -33.30 -8.68 -0.67
C THR A 223 -33.53 -7.53 0.29
N LEU A 224 -34.79 -7.26 0.61
CA LEU A 224 -35.15 -6.28 1.63
C LEU A 224 -35.33 -7.04 2.93
N LEU A 225 -34.42 -6.84 3.86
CA LEU A 225 -34.46 -7.55 5.13
C LEU A 225 -34.85 -6.62 6.27
N PHE A 226 -36.04 -6.90 6.82
CA PHE A 226 -36.59 -6.20 7.96
C PHE A 226 -36.33 -7.09 9.19
N GLN A 227 -35.51 -6.63 10.12
CA GLN A 227 -35.22 -7.42 11.34
C GLN A 227 -35.71 -6.70 12.59
N ASP A 228 -36.06 -7.48 13.62
CA ASP A 228 -36.44 -6.92 14.91
C ASP A 228 -35.16 -6.49 15.64
N SER A 229 -35.23 -6.26 16.94
CA SER A 229 -34.08 -5.72 17.69
C SER A 229 -33.21 -6.77 18.37
N ARG A 230 -33.46 -8.06 18.11
CA ARG A 230 -32.76 -9.15 18.82
C ARG A 230 -31.30 -9.30 18.44
N GLY A 231 -30.95 -8.99 17.20
CA GLY A 231 -29.59 -9.19 16.71
C GLY A 231 -29.33 -10.63 16.31
N GLY A 232 -28.14 -10.88 15.77
CA GLY A 232 -27.76 -12.24 15.33
C GLY A 232 -27.32 -12.31 13.89
N LEU A 233 -27.87 -11.44 13.05
CA LEU A 233 -27.47 -11.36 11.64
C LEU A 233 -26.01 -10.94 11.55
N GLN A 234 -25.23 -11.67 10.75
CA GLN A 234 -23.83 -11.37 10.53
C GLN A 234 -23.52 -11.37 9.05
N VAL A 235 -22.60 -10.49 8.65
CA VAL A 235 -22.20 -10.35 7.27
C VAL A 235 -20.69 -10.60 7.20
N LYS A 236 -20.25 -11.32 6.17
CA LYS A 236 -18.85 -11.69 6.06
C LYS A 236 -18.02 -10.51 5.52
N SER A 237 -16.95 -10.18 6.24
CA SER A 237 -16.07 -9.07 5.88
C SER A 237 -15.13 -9.46 4.73
N PRO A 238 -14.48 -8.46 4.10
CA PRO A 238 -13.49 -8.75 3.07
C PRO A 238 -12.30 -9.59 3.57
N ASN A 239 -12.09 -9.59 4.88
CA ASN A 239 -11.02 -10.36 5.52
C ASN A 239 -11.45 -11.74 5.98
N GLY A 240 -12.70 -12.10 5.71
CA GLY A 240 -13.17 -13.46 5.93
C GLY A 240 -13.84 -13.72 7.28
N GLN A 241 -14.20 -12.66 8.00
CA GLN A 241 -14.79 -12.77 9.34
C GLN A 241 -16.23 -12.32 9.32
N PHE A 242 -17.09 -13.03 10.05
CA PHE A 242 -18.48 -12.62 10.20
C PHE A 242 -18.59 -11.49 11.21
N ILE A 243 -19.21 -10.38 10.78
CA ILE A 243 -19.39 -9.19 11.58
C ILE A 243 -20.86 -8.98 11.84
N ASP A 244 -21.20 -8.59 13.08
CA ASP A 244 -22.58 -8.36 13.49
C ASP A 244 -23.22 -7.21 12.69
N ALA A 245 -24.37 -7.48 12.09
CA ALA A 245 -25.16 -6.44 11.42
C ALA A 245 -26.15 -5.92 12.44
N THR A 246 -25.66 -5.05 13.31
CA THR A 246 -26.44 -4.51 14.41
C THR A 246 -27.80 -3.99 13.95
N PRO A 247 -28.88 -4.33 14.68
CA PRO A 247 -30.18 -3.76 14.35
C PRO A 247 -30.25 -2.26 14.64
N ILE A 248 -30.77 -1.49 13.68
CA ILE A 248 -31.03 -0.07 13.86
C ILE A 248 -32.52 0.15 13.61
N GLU A 249 -33.18 0.84 14.54
CA GLU A 249 -34.62 1.06 14.52
C GLU A 249 -35.09 1.70 13.21
N ASN A 250 -36.20 1.21 12.69
CA ASN A 250 -36.79 1.71 11.45
C ASN A 250 -35.82 1.77 10.26
N THR A 251 -34.93 0.78 10.16
CA THR A 251 -34.13 0.59 8.96
C THR A 251 -34.50 -0.71 8.27
N VAL A 252 -34.20 -0.80 6.99
CA VAL A 252 -34.26 -2.05 6.25
C VAL A 252 -32.86 -2.34 5.75
N VAL A 253 -32.39 -3.56 5.95
CA VAL A 253 -31.10 -4.00 5.48
C VAL A 253 -31.31 -4.51 4.07
N VAL A 254 -30.57 -3.97 3.12
CA VAL A 254 -30.73 -4.32 1.71
C VAL A 254 -29.43 -4.89 1.19
N ASN A 255 -29.49 -6.08 0.62
CA ASN A 255 -28.32 -6.72 0.06
C ASN A 255 -28.55 -7.23 -1.35
N ALA A 256 -27.50 -7.20 -2.16
CA ALA A 256 -27.57 -7.72 -3.51
C ALA A 256 -27.50 -9.24 -3.48
N GLY A 257 -28.18 -9.88 -4.42
CA GLY A 257 -28.17 -11.33 -4.58
C GLY A 257 -27.28 -11.75 -5.73
N ASP A 258 -27.13 -13.07 -5.88
CA ASP A 258 -26.17 -13.64 -6.83
C ASP A 258 -26.48 -13.29 -8.28
N LEU A 259 -27.75 -13.11 -8.59
CA LEU A 259 -28.17 -12.80 -9.95
C LEU A 259 -27.75 -11.37 -10.34
N LEU A 260 -27.92 -10.42 -9.42
CA LEU A 260 -27.48 -9.04 -9.65
C LEU A 260 -25.96 -8.96 -9.73
N ALA A 261 -25.27 -9.70 -8.86
CA ALA A 261 -23.82 -9.81 -8.92
C ALA A 261 -23.37 -10.21 -10.33
N ARG A 262 -23.96 -11.28 -10.84
CA ARG A 262 -23.68 -11.78 -12.18
C ARG A 262 -24.13 -10.79 -13.27
N TRP A 263 -25.33 -10.24 -13.10
CA TRP A 263 -25.90 -9.23 -13.99
C TRP A 263 -24.96 -8.05 -14.14
N SER A 264 -24.36 -7.64 -13.02
CA SER A 264 -23.50 -6.47 -12.96
C SER A 264 -22.07 -6.76 -13.39
N ASN A 265 -21.83 -7.95 -13.92
CA ASN A 265 -20.49 -8.43 -14.24
C ASN A 265 -19.54 -8.35 -13.04
N ASP A 266 -20.07 -8.70 -11.87
CA ASP A 266 -19.34 -8.66 -10.59
C ASP A 266 -18.82 -7.28 -10.17
N THR A 267 -19.43 -6.21 -10.67
CA THR A 267 -19.16 -4.88 -10.13
C THR A 267 -19.93 -4.70 -8.82
N ILE A 268 -21.05 -5.39 -8.69
CA ILE A 268 -21.84 -5.42 -7.44
C ILE A 268 -21.60 -6.75 -6.73
N LYS A 269 -21.39 -6.70 -5.42
CA LYS A 269 -21.08 -7.88 -4.61
C LYS A 269 -22.35 -8.52 -4.04
N SER A 270 -22.39 -9.85 -4.06
CA SER A 270 -23.36 -10.63 -3.29
C SER A 270 -22.60 -11.30 -2.14
N THR A 271 -22.93 -10.93 -0.91
CA THR A 271 -22.05 -11.20 0.24
C THR A 271 -22.63 -12.27 1.14
N VAL A 272 -21.76 -13.15 1.64
CA VAL A 272 -22.18 -14.24 2.51
C VAL A 272 -22.68 -13.69 3.85
N HIS A 273 -23.80 -14.20 4.32
CA HIS A 273 -24.36 -13.82 5.61
C HIS A 273 -25.04 -15.01 6.29
N ARG A 274 -25.40 -14.83 7.55
CA ARG A 274 -25.96 -15.91 8.37
C ARG A 274 -26.63 -15.31 9.59
N VAL A 275 -27.32 -16.15 10.37
CA VAL A 275 -27.87 -15.74 11.65
C VAL A 275 -27.41 -16.68 12.75
N VAL A 276 -26.67 -16.13 13.72
CA VAL A 276 -26.19 -16.91 14.86
C VAL A 276 -26.90 -16.43 16.13
N GLU A 277 -26.39 -16.85 17.29
CA GLU A 277 -26.83 -16.30 18.58
C GLU A 277 -26.65 -14.80 18.63
N PRO A 278 -27.57 -14.09 19.31
CA PRO A 278 -27.32 -12.68 19.55
C PRO A 278 -26.01 -12.47 20.34
N PRO A 279 -25.30 -11.37 20.08
CA PRO A 279 -24.00 -11.14 20.74
C PRO A 279 -24.07 -11.01 22.27
N LYS A 280 -25.25 -10.68 22.81
CA LYS A 280 -25.41 -10.53 24.26
C LYS A 280 -25.52 -11.89 24.97
N GLN A 281 -24.95 -11.96 26.18
CA GLN A 281 -24.93 -13.19 26.97
C GLN A 281 -26.19 -13.27 27.85
N GLU A 282 -26.96 -14.32 27.67
CA GLU A 282 -28.20 -14.54 28.40
C GLU A 282 -28.51 -16.04 28.44
N ASP A 283 -29.29 -16.46 29.43
CA ASP A 283 -29.63 -17.87 29.58
C ASP A 283 -30.59 -18.34 28.48
N VAL A 284 -31.56 -17.50 28.14
CA VAL A 284 -32.53 -17.83 27.11
C VAL A 284 -32.60 -16.69 26.09
N HIS A 285 -32.45 -17.05 24.82
CA HIS A 285 -32.61 -16.10 23.74
C HIS A 285 -34.09 -16.05 23.38
N PRO A 286 -34.71 -14.85 23.49
CA PRO A 286 -36.12 -14.74 23.13
C PRO A 286 -36.38 -15.00 21.64
N PRO A 287 -37.64 -15.10 21.24
CA PRO A 287 -37.95 -15.30 19.83
C PRO A 287 -37.45 -14.14 18.95
N ARG A 288 -36.89 -14.49 17.80
CA ARG A 288 -36.46 -13.49 16.82
C ARG A 288 -37.36 -13.56 15.59
N TYR A 289 -37.88 -12.41 15.18
CA TYR A 289 -38.68 -12.26 13.97
C TYR A 289 -37.94 -11.41 12.96
N SER A 290 -37.92 -11.88 11.71
CA SER A 290 -37.45 -11.07 10.60
C SER A 290 -38.33 -11.35 9.40
N ILE A 291 -38.23 -10.49 8.40
CA ILE A 291 -38.93 -10.67 7.13
C ILE A 291 -37.96 -10.42 6.00
N ALA A 292 -37.74 -11.44 5.17
CA ALA A 292 -36.88 -11.34 4.00
C ALA A 292 -37.74 -11.29 2.75
N TYR A 293 -37.74 -10.14 2.09
CA TYR A 293 -38.44 -9.99 0.82
C TYR A 293 -37.43 -10.16 -0.30
N PHE A 294 -37.41 -11.35 -0.90
CA PHE A 294 -36.48 -11.64 -1.97
C PHE A 294 -36.99 -11.02 -3.26
N CYS A 295 -36.24 -10.08 -3.82
CA CYS A 295 -36.57 -9.48 -5.10
C CYS A 295 -35.80 -10.20 -6.23
N ASN A 296 -36.49 -10.46 -7.33
CA ASN A 296 -35.91 -11.14 -8.49
C ASN A 296 -36.24 -10.41 -9.79
N PRO A 297 -35.40 -10.60 -10.83
CA PRO A 297 -35.83 -10.19 -12.16
C PRO A 297 -37.07 -10.97 -12.57
N ASN A 298 -37.82 -10.46 -13.53
CA ASN A 298 -38.95 -11.21 -14.10
C ASN A 298 -38.45 -12.60 -14.49
N HIS A 299 -39.24 -13.63 -14.23
CA HIS A 299 -38.82 -15.01 -14.55
C HIS A 299 -38.49 -15.16 -16.04
N LYS A 300 -39.18 -14.40 -16.89
CA LYS A 300 -38.94 -14.40 -18.34
C LYS A 300 -37.66 -13.65 -18.75
N SER A 301 -37.09 -12.85 -17.86
CA SER A 301 -35.93 -12.02 -18.19
C SER A 301 -34.67 -12.80 -18.54
N TYR A 302 -33.98 -12.32 -19.55
CA TYR A 302 -32.68 -12.85 -19.94
C TYR A 302 -31.63 -11.95 -19.31
N ILE A 303 -30.68 -12.57 -18.61
CA ILE A 303 -29.73 -11.83 -17.78
C ILE A 303 -28.33 -11.90 -18.36
N GLU A 304 -27.87 -10.75 -18.86
CA GLU A 304 -26.48 -10.59 -19.33
C GLU A 304 -25.99 -9.18 -18.97
N ALA A 305 -24.69 -8.96 -19.12
CA ALA A 305 -24.04 -7.78 -18.56
C ALA A 305 -24.78 -6.44 -18.79
N ILE A 306 -24.91 -5.67 -17.72
CA ILE A 306 -25.53 -4.34 -17.75
C ILE A 306 -24.59 -3.35 -18.42
N PRO A 307 -25.13 -2.41 -19.24
CA PRO A 307 -24.25 -1.44 -19.89
C PRO A 307 -23.43 -0.61 -18.90
N GLY A 308 -22.15 -0.44 -19.21
CA GLY A 308 -21.23 0.34 -18.38
C GLY A 308 -20.56 -0.43 -17.26
N THR A 309 -20.76 -1.74 -17.21
CA THR A 309 -20.12 -2.61 -16.22
C THR A 309 -18.90 -3.34 -16.78
N TYR A 310 -18.55 -3.03 -18.02
CA TYR A 310 -17.37 -3.60 -18.68
C TYR A 310 -17.00 -2.72 -19.85
N ALA A 311 -15.70 -2.70 -20.22
CA ALA A 311 -15.22 -1.92 -21.36
C ALA A 311 -15.16 -2.80 -22.60
N ALA A 312 -14.18 -3.71 -22.64
CA ALA A 312 -14.07 -4.65 -23.76
C ALA A 312 -14.93 -5.87 -23.48
N GLU A 313 -15.47 -6.46 -24.55
CA GLU A 313 -16.30 -7.66 -24.45
C GLU A 313 -15.60 -8.78 -23.68
N SER A 314 -14.29 -8.87 -23.83
CA SER A 314 -13.49 -9.90 -23.14
C SER A 314 -13.58 -9.82 -21.61
N GLU A 315 -14.05 -8.68 -21.09
CA GLU A 315 -14.29 -8.52 -19.67
C GLU A 315 -15.59 -9.18 -19.16
N ARG A 316 -16.54 -9.48 -20.05
CA ARG A 316 -17.77 -10.17 -19.67
C ARG A 316 -17.45 -11.55 -19.09
N LYS A 317 -17.74 -11.73 -17.80
CA LYS A 317 -17.38 -12.96 -17.10
C LYS A 317 -18.37 -14.11 -17.33
N TYR A 318 -19.62 -13.80 -17.69
CA TYR A 318 -20.70 -14.80 -17.67
C TYR A 318 -21.52 -14.88 -18.96
N GLU A 319 -21.87 -16.11 -19.34
CA GLU A 319 -22.85 -16.36 -20.39
C GLU A 319 -24.21 -15.86 -19.93
N GLY A 320 -25.05 -15.46 -20.89
CA GLY A 320 -26.42 -15.06 -20.59
C GLY A 320 -27.25 -16.22 -20.07
N ILE A 321 -28.17 -15.93 -19.15
CA ILE A 321 -29.07 -16.94 -18.58
C ILE A 321 -30.48 -16.38 -18.40
N ASN A 322 -31.45 -17.27 -18.47
CA ASN A 322 -32.81 -16.95 -18.10
C ASN A 322 -32.91 -16.89 -16.57
N SER A 323 -33.49 -15.81 -16.08
CA SER A 323 -33.65 -15.55 -14.64
C SER A 323 -34.44 -16.65 -13.94
N GLY A 324 -35.61 -16.99 -14.48
CA GLY A 324 -36.49 -18.00 -13.91
C GLY A 324 -35.83 -19.37 -13.75
N LYS A 325 -35.20 -19.85 -14.82
CA LYS A 325 -34.50 -21.14 -14.79
C LYS A 325 -33.39 -21.14 -13.73
N TYR A 326 -32.60 -20.07 -13.68
CA TYR A 326 -31.51 -19.97 -12.72
C TYR A 326 -32.01 -20.16 -11.29
N LEU A 327 -33.08 -19.44 -10.95
CA LEU A 327 -33.63 -19.47 -9.61
C LEU A 327 -34.09 -20.86 -9.19
N VAL A 328 -34.83 -21.55 -10.06
CA VAL A 328 -35.31 -22.90 -9.73
C VAL A 328 -34.14 -23.86 -9.51
N GLN A 329 -33.08 -23.73 -10.28
CA GLN A 329 -31.88 -24.54 -10.06
C GLN A 329 -31.31 -24.30 -8.66
N ARG A 330 -31.27 -23.03 -8.22
CA ARG A 330 -30.82 -22.71 -6.87
C ARG A 330 -31.77 -23.28 -5.81
N LEU A 331 -33.06 -23.09 -6.03
CA LEU A 331 -34.09 -23.54 -5.09
C LEU A 331 -34.23 -25.06 -5.01
N ALA A 332 -33.93 -25.75 -6.11
CA ALA A 332 -34.11 -27.19 -6.20
C ALA A 332 -32.85 -27.99 -5.85
N ALA A 333 -31.69 -27.35 -5.82
CA ALA A 333 -30.40 -28.04 -5.64
C ALA A 333 -30.34 -28.87 -4.35
N THR A 334 -30.68 -28.26 -3.23
CA THR A 334 -30.71 -28.95 -1.93
C THR A 334 -31.92 -29.89 -1.83
N TYR A 335 -32.94 -29.65 -2.65
CA TYR A 335 -34.20 -30.42 -2.67
C TYR A 335 -35.04 -30.08 -1.44
N MET B 3 3.71 -13.80 8.76
CA MET B 3 5.11 -13.85 9.27
C MET B 3 5.97 -12.74 8.65
N GLU B 4 5.91 -12.61 7.32
CA GLU B 4 6.59 -11.52 6.61
C GLU B 4 5.71 -10.28 6.62
N LYS B 5 6.35 -9.12 6.44
CA LYS B 5 5.62 -7.87 6.29
C LYS B 5 4.91 -7.87 4.94
N ALA B 6 3.67 -7.37 4.93
CA ALA B 6 2.85 -7.33 3.71
C ALA B 6 3.56 -6.65 2.55
N ALA B 7 3.41 -7.20 1.35
CA ALA B 7 3.89 -6.57 0.12
C ALA B 7 3.11 -5.30 -0.18
N VAL B 8 1.80 -5.33 0.12
CA VAL B 8 0.91 -4.18 -0.03
C VAL B 8 -0.06 -4.17 1.16
N ASN B 9 -0.33 -2.97 1.67
CA ASN B 9 -1.25 -2.78 2.79
C ASN B 9 -1.81 -1.36 2.77
N GLU B 10 -2.89 -1.17 2.02
CA GLU B 10 -3.41 0.17 1.76
C GLU B 10 -4.90 0.13 1.42
N ASP B 11 -5.67 1.04 2.00
CA ASP B 11 -7.10 1.17 1.72
C ASP B 11 -7.87 -0.17 1.86
N GLY B 12 -7.52 -0.93 2.89
CA GLY B 12 -8.17 -2.22 3.14
C GLY B 12 -7.72 -3.37 2.25
N LEU B 13 -6.75 -3.12 1.37
CA LEU B 13 -6.16 -4.17 0.54
C LEU B 13 -4.86 -4.63 1.16
N VAL B 14 -4.81 -5.89 1.58
CA VAL B 14 -3.59 -6.49 2.13
C VAL B 14 -3.15 -7.64 1.24
N ILE B 15 -2.02 -7.47 0.56
CA ILE B 15 -1.43 -8.52 -0.24
C ILE B 15 -0.22 -9.06 0.52
N PRO B 16 -0.31 -10.32 1.01
CA PRO B 16 0.78 -10.86 1.83
C PRO B 16 2.04 -11.15 1.02
N LEU B 17 3.20 -11.12 1.67
CA LEU B 17 4.44 -11.63 1.10
C LEU B 17 4.73 -12.96 1.77
N ILE B 18 4.85 -14.02 0.98
CA ILE B 18 4.92 -15.36 1.53
C ILE B 18 6.14 -16.11 0.99
N ASP B 19 6.85 -16.77 1.90
CA ASP B 19 8.05 -17.53 1.57
C ASP B 19 7.67 -18.93 1.10
N PHE B 20 7.64 -19.14 -0.21
CA PHE B 20 7.14 -20.40 -0.77
C PHE B 20 8.01 -21.59 -0.41
N SER B 21 9.31 -21.38 -0.18
CA SER B 21 10.22 -22.46 0.22
C SER B 21 9.80 -23.11 1.53
N LYS B 22 9.09 -22.37 2.38
CA LYS B 22 8.55 -22.90 3.64
C LYS B 22 7.35 -23.84 3.42
N PHE B 23 6.73 -23.78 2.25
CA PHE B 23 5.70 -24.75 1.87
C PHE B 23 6.31 -25.97 1.20
N LEU B 24 7.34 -25.75 0.39
CA LEU B 24 8.02 -26.85 -0.30
C LEU B 24 8.99 -27.63 0.59
N GLU B 25 9.61 -26.98 1.59
CA GLU B 25 10.72 -27.58 2.34
C GLU B 25 10.54 -27.69 3.87
N GLY B 26 9.52 -27.05 4.44
CA GLY B 26 9.39 -27.00 5.89
C GLY B 26 9.00 -28.31 6.56
N ASP B 27 8.89 -28.29 7.88
CA ASP B 27 8.20 -29.37 8.61
C ASP B 27 6.70 -29.19 8.37
N GLU B 28 5.91 -30.22 8.68
CA GLU B 28 4.48 -30.21 8.35
C GLU B 28 3.71 -29.03 8.96
N THR B 29 4.09 -28.62 10.17
CA THR B 29 3.45 -27.47 10.83
C THR B 29 3.64 -26.18 10.03
N LEU B 30 4.87 -25.96 9.57
CA LEU B 30 5.22 -24.76 8.83
C LEU B 30 4.59 -24.76 7.44
N LYS B 31 4.62 -25.93 6.77
CA LYS B 31 3.97 -26.11 5.48
C LYS B 31 2.47 -25.78 5.55
N LEU B 32 1.81 -26.27 6.60
CA LEU B 32 0.38 -26.03 6.77
C LEU B 32 0.07 -24.54 6.95
N GLU B 33 0.84 -23.89 7.81
CA GLU B 33 0.69 -22.45 8.09
C GLU B 33 0.86 -21.64 6.81
N THR B 34 1.87 -21.99 6.02
CA THR B 34 2.16 -21.29 4.78
C THR B 34 1.04 -21.49 3.76
N ALA B 35 0.59 -22.74 3.63
CA ALA B 35 -0.51 -23.09 2.75
C ALA B 35 -1.78 -22.32 3.10
N LYS B 36 -2.09 -22.24 4.39
CA LYS B 36 -3.26 -21.47 4.85
C LYS B 36 -3.13 -19.98 4.54
N ALA B 37 -1.93 -19.42 4.74
CA ALA B 37 -1.69 -18.02 4.44
C ALA B 37 -1.82 -17.75 2.94
N ILE B 38 -1.37 -18.69 2.12
CA ILE B 38 -1.50 -18.58 0.68
C ILE B 38 -2.99 -18.54 0.28
N LEU B 39 -3.74 -19.52 0.77
CA LEU B 39 -5.18 -19.56 0.54
C LEU B 39 -5.86 -18.28 1.04
N HIS B 40 -5.53 -17.87 2.26
CA HIS B 40 -6.13 -16.69 2.86
C HIS B 40 -5.91 -15.46 1.98
N GLY B 41 -4.71 -15.32 1.43
CA GLY B 41 -4.43 -14.28 0.45
C GLY B 41 -5.39 -14.31 -0.72
N PHE B 42 -5.55 -15.49 -1.33
CA PHE B 42 -6.41 -15.65 -2.49
C PHE B 42 -7.89 -15.42 -2.16
N GLN B 43 -8.29 -15.78 -0.93
CA GLN B 43 -9.68 -15.61 -0.48
C GLN B 43 -10.06 -14.18 -0.11
N THR B 44 -9.07 -13.31 0.03
CA THR B 44 -9.31 -11.94 0.50
C THR B 44 -8.86 -10.91 -0.53
N ALA B 45 -7.58 -10.86 -0.84
CA ALA B 45 -7.09 -9.93 -1.86
C ALA B 45 -7.23 -10.48 -3.29
N GLY B 46 -7.11 -11.80 -3.44
CA GLY B 46 -7.06 -12.43 -4.75
C GLY B 46 -5.66 -12.41 -5.34
N PHE B 47 -4.70 -11.96 -4.52
CA PHE B 47 -3.34 -11.66 -4.94
C PHE B 47 -2.38 -11.98 -3.80
N ILE B 48 -1.23 -12.57 -4.13
CA ILE B 48 -0.13 -12.75 -3.18
C ILE B 48 1.21 -12.45 -3.85
N TYR B 49 2.24 -12.21 -3.04
CA TYR B 49 3.62 -12.20 -3.52
C TYR B 49 4.32 -13.43 -2.94
N LEU B 50 5.05 -14.15 -3.79
CA LEU B 50 5.85 -15.28 -3.34
C LEU B 50 7.33 -14.97 -3.47
N LYS B 51 8.07 -15.16 -2.38
CA LYS B 51 9.54 -15.11 -2.41
C LYS B 51 10.10 -16.52 -2.22
N ASN B 52 11.36 -16.70 -2.64
CA ASN B 52 12.07 -17.98 -2.58
C ASN B 52 11.33 -19.12 -3.28
N ILE B 53 10.97 -18.87 -4.54
CA ILE B 53 10.37 -19.86 -5.40
C ILE B 53 11.47 -20.71 -6.04
N PRO B 54 11.11 -21.90 -6.57
CA PRO B 54 12.15 -22.76 -7.16
C PRO B 54 12.80 -22.23 -8.45
N ILE B 55 12.29 -21.15 -9.03
CA ILE B 55 12.92 -20.54 -10.20
C ILE B 55 14.08 -19.65 -9.73
N GLN B 56 15.26 -19.83 -10.33
CA GLN B 56 16.47 -19.15 -9.86
C GLN B 56 16.58 -17.74 -10.46
N PRO B 57 17.04 -16.77 -9.65
CA PRO B 57 17.23 -15.38 -10.09
C PRO B 57 18.04 -15.21 -11.39
N ASP B 58 19.17 -15.91 -11.48
CA ASP B 58 20.06 -15.80 -12.64
C ASP B 58 19.37 -16.21 -13.95
N PHE B 59 18.60 -17.29 -13.90
CA PHE B 59 17.85 -17.72 -15.08
C PHE B 59 16.71 -16.75 -15.39
N ARG B 60 16.02 -16.25 -14.35
CA ARG B 60 14.98 -15.24 -14.54
C ARG B 60 15.54 -14.01 -15.25
N GLU B 61 16.67 -13.51 -14.75
CA GLU B 61 17.37 -12.41 -15.39
C GLU B 61 17.65 -12.72 -16.86
N HIS B 62 18.15 -13.93 -17.12
CA HIS B 62 18.45 -14.39 -18.48
C HIS B 62 17.21 -14.41 -19.38
N VAL B 63 16.09 -14.90 -18.83
CA VAL B 63 14.82 -14.92 -19.56
C VAL B 63 14.36 -13.50 -19.94
N PHE B 64 14.53 -12.55 -19.03
CA PHE B 64 14.17 -11.14 -19.31
C PHE B 64 15.07 -10.51 -20.37
N ASN B 65 16.37 -10.80 -20.32
CA ASN B 65 17.29 -10.34 -21.38
C ASN B 65 16.87 -10.91 -22.72
N THR B 66 16.51 -12.19 -22.73
CA THR B 66 16.10 -12.87 -23.95
C THR B 66 14.79 -12.29 -24.49
N SER B 67 13.87 -11.91 -23.61
CA SER B 67 12.64 -11.22 -24.01
C SER B 67 12.96 -9.88 -24.68
N ALA B 68 13.84 -9.11 -24.05
CA ALA B 68 14.28 -7.83 -24.61
C ALA B 68 14.83 -8.00 -26.02
N LYS B 69 15.65 -9.03 -26.22
CA LYS B 69 16.21 -9.30 -27.55
C LYS B 69 15.09 -9.51 -28.58
N PHE B 70 14.07 -10.28 -28.21
CA PHE B 70 12.97 -10.52 -29.13
C PHE B 70 12.28 -9.23 -29.53
N PHE B 71 11.93 -8.40 -28.55
CA PHE B 71 11.19 -7.17 -28.84
C PHE B 71 12.07 -6.11 -29.52
N LYS B 72 13.39 -6.29 -29.48
CA LYS B 72 14.31 -5.43 -30.26
C LYS B 72 14.34 -5.80 -31.74
N LEU B 73 13.65 -6.87 -32.12
CA LEU B 73 13.55 -7.28 -33.52
C LEU B 73 12.81 -6.21 -34.33
N PRO B 74 13.17 -6.04 -35.62
CA PRO B 74 12.44 -5.09 -36.46
C PRO B 74 10.97 -5.50 -36.67
N LYS B 75 10.12 -4.50 -36.89
CA LYS B 75 8.67 -4.69 -36.99
C LYS B 75 8.24 -5.89 -37.83
N GLU B 76 8.84 -6.05 -39.00
CA GLU B 76 8.42 -7.10 -39.95
C GLU B 76 8.67 -8.52 -39.47
N LYS B 77 9.76 -8.72 -38.73
CA LYS B 77 10.08 -10.03 -38.18
C LYS B 77 9.05 -10.44 -37.12
N LYS B 78 8.70 -9.50 -36.25
CA LYS B 78 7.71 -9.75 -35.20
C LYS B 78 6.31 -9.99 -35.77
N LEU B 79 5.98 -9.29 -36.85
CA LEU B 79 4.69 -9.48 -37.52
C LEU B 79 4.61 -10.81 -38.27
N GLU B 80 5.75 -11.34 -38.68
CA GLU B 80 5.81 -12.66 -39.31
C GLU B 80 5.48 -13.80 -38.35
N VAL B 81 5.56 -13.53 -37.04
CA VAL B 81 5.16 -14.48 -36.00
C VAL B 81 3.94 -13.95 -35.25
N GLY B 82 2.99 -13.39 -36.01
CA GLY B 82 1.83 -12.70 -35.44
C GLY B 82 0.79 -13.61 -34.81
N TRP B 83 0.06 -13.04 -33.84
CA TRP B 83 -1.07 -13.71 -33.18
C TRP B 83 -2.15 -13.97 -34.23
N THR B 84 -2.70 -15.19 -34.25
CA THR B 84 -3.69 -15.58 -35.26
C THR B 84 -5.11 -15.65 -34.68
N THR B 85 -5.48 -16.81 -34.12
CA THR B 85 -6.82 -17.05 -33.62
C THR B 85 -6.85 -17.11 -32.08
N PRO B 86 -8.03 -16.94 -31.49
CA PRO B 86 -8.21 -17.21 -30.05
C PRO B 86 -7.99 -18.68 -29.63
N GLU B 87 -8.15 -19.61 -30.57
CA GLU B 87 -7.95 -21.04 -30.28
C GLU B 87 -6.48 -21.31 -30.00
N ALA B 88 -5.62 -20.75 -30.84
CA ALA B 88 -4.18 -20.92 -30.72
C ALA B 88 -3.63 -20.11 -29.56
N ASN B 89 -3.97 -18.81 -29.55
CA ASN B 89 -3.53 -17.88 -28.51
C ASN B 89 -2.00 -17.81 -28.39
N ARG B 90 -1.33 -17.85 -29.54
CA ARG B 90 0.13 -17.89 -29.62
C ARG B 90 0.61 -16.87 -30.64
N GLY B 91 1.75 -16.27 -30.35
CA GLY B 91 2.38 -15.34 -31.28
C GLY B 91 2.33 -13.87 -30.87
N TYR B 92 2.80 -13.04 -31.78
CA TYR B 92 3.09 -11.63 -31.49
C TYR B 92 1.86 -10.73 -31.66
N SER B 93 1.73 -9.75 -30.76
CA SER B 93 0.69 -8.73 -30.84
C SER B 93 1.28 -7.36 -30.52
N ALA B 94 0.88 -6.36 -31.30
CA ALA B 94 1.37 -4.98 -31.12
C ALA B 94 0.17 -4.05 -30.94
N PRO B 95 0.42 -2.76 -30.63
CA PRO B 95 -0.69 -1.81 -30.61
C PRO B 95 -1.12 -1.41 -32.03
N ASP B 118 -3.74 0.76 -25.46
CA ASP B 118 -2.67 0.29 -24.59
C ASP B 118 -1.31 0.33 -25.27
N ILE B 119 -0.34 0.94 -24.60
CA ILE B 119 1.01 1.15 -25.16
C ILE B 119 1.90 -0.05 -24.78
N LYS B 120 1.68 -1.16 -25.47
CA LYS B 120 2.35 -2.40 -25.15
C LYS B 120 2.41 -3.31 -26.36
N GLU B 121 3.38 -4.21 -26.35
CA GLU B 121 3.43 -5.32 -27.28
C GLU B 121 3.65 -6.59 -26.47
N SER B 122 3.20 -7.72 -27.02
CA SER B 122 3.32 -8.99 -26.34
C SER B 122 3.68 -10.10 -27.31
N TYR B 123 4.24 -11.17 -26.75
CA TYR B 123 4.48 -12.40 -27.50
C TYR B 123 4.08 -13.57 -26.61
N GLU B 124 3.17 -14.40 -27.12
CA GLU B 124 2.61 -15.47 -26.32
C GLU B 124 3.04 -16.86 -26.79
N ILE B 125 3.44 -17.68 -25.83
CA ILE B 125 3.97 -19.02 -26.06
C ILE B 125 3.11 -20.04 -25.30
N GLY B 126 2.69 -21.09 -25.99
CA GLY B 126 1.96 -22.20 -25.38
C GLY B 126 2.82 -23.43 -25.28
N ARG B 127 2.22 -24.56 -24.89
CA ARG B 127 2.92 -25.85 -24.87
C ARG B 127 3.23 -26.33 -26.30
N GLU B 128 4.28 -27.11 -26.45
CA GLU B 128 4.80 -27.52 -27.75
C GLU B 128 4.01 -28.62 -28.47
N ASP B 129 3.30 -29.45 -27.71
CA ASP B 129 2.73 -30.69 -28.25
C ASP B 129 1.25 -30.58 -28.68
N GLU B 130 0.70 -29.37 -28.71
CA GLU B 130 -0.73 -29.20 -28.94
C GLU B 130 -1.09 -29.32 -30.42
N PRO B 131 -1.94 -30.30 -30.78
CA PRO B 131 -2.27 -30.53 -32.18
C PRO B 131 -3.03 -29.36 -32.80
N GLY B 132 -2.52 -28.87 -33.93
CA GLY B 132 -3.15 -27.77 -34.66
C GLY B 132 -2.70 -26.37 -34.23
N HIS B 133 -1.98 -26.28 -33.12
CA HIS B 133 -1.61 -24.98 -32.54
C HIS B 133 -0.13 -24.90 -32.18
N PRO B 134 0.75 -24.92 -33.20
CA PRO B 134 2.17 -24.80 -32.95
C PRO B 134 2.55 -23.38 -32.57
N ASN B 135 3.63 -23.22 -31.81
CA ASN B 135 4.16 -21.90 -31.49
C ASN B 135 4.86 -21.31 -32.71
N PRO B 136 4.50 -20.08 -33.12
CA PRO B 136 5.20 -19.45 -34.23
C PRO B 136 6.54 -18.88 -33.74
N TRP B 137 7.56 -19.72 -33.74
CA TRP B 137 8.90 -19.33 -33.29
C TRP B 137 9.59 -18.44 -34.31
N PRO B 138 10.31 -17.40 -33.84
CA PRO B 138 11.11 -16.58 -34.73
C PRO B 138 12.37 -17.33 -35.16
N ALA B 139 13.06 -16.83 -36.18
CA ALA B 139 14.26 -17.47 -36.68
C ALA B 139 15.41 -17.33 -35.69
N GLU B 140 16.11 -18.44 -35.44
CA GLU B 140 17.22 -18.48 -34.48
C GLU B 140 18.52 -18.02 -35.13
N GLN B 141 18.73 -16.71 -35.17
CA GLN B 141 19.94 -16.13 -35.74
C GLN B 141 20.28 -14.81 -35.06
N ASP B 142 21.56 -14.47 -35.05
CA ASP B 142 22.08 -13.32 -34.31
C ASP B 142 21.69 -13.43 -32.82
N ASP B 143 21.02 -12.43 -32.27
CA ASP B 143 20.73 -12.39 -30.83
C ASP B 143 19.64 -13.37 -30.38
N LEU B 144 18.83 -13.86 -31.31
CA LEU B 144 17.73 -14.78 -30.99
C LEU B 144 18.11 -16.27 -30.97
N VAL B 145 19.40 -16.59 -31.05
CA VAL B 145 19.86 -17.97 -30.87
C VAL B 145 19.71 -18.32 -29.39
N GLY B 146 19.00 -19.42 -29.11
CA GLY B 146 18.70 -19.83 -27.75
C GLY B 146 17.37 -19.31 -27.22
N PHE B 147 16.61 -18.64 -28.09
CA PHE B 147 15.31 -18.08 -27.69
C PHE B 147 14.30 -19.19 -27.37
N LYS B 148 14.13 -20.13 -28.30
CA LYS B 148 13.15 -21.19 -28.16
C LYS B 148 13.40 -22.02 -26.90
N SER B 149 14.64 -22.49 -26.75
CA SER B 149 14.97 -23.38 -25.65
C SER B 149 14.93 -22.65 -24.31
N THR B 150 15.35 -21.38 -24.27
CA THR B 150 15.22 -20.55 -23.07
C THR B 150 13.76 -20.44 -22.65
N MET B 151 12.88 -20.14 -23.59
CA MET B 151 11.47 -19.93 -23.28
C MET B 151 10.72 -21.21 -22.93
N ASN B 152 11.01 -22.31 -23.61
CA ASN B 152 10.43 -23.62 -23.28
C ASN B 152 10.83 -24.08 -21.89
N ASN B 153 12.07 -23.79 -21.49
CA ASN B 153 12.56 -24.11 -20.15
C ASN B 153 11.82 -23.31 -19.07
N PHE B 154 11.69 -22.00 -19.27
CA PHE B 154 10.95 -21.13 -18.34
C PHE B 154 9.48 -21.54 -18.31
N PHE B 155 8.93 -21.91 -19.46
CA PHE B 155 7.56 -22.40 -19.57
C PHE B 155 7.34 -23.61 -18.67
N ASP B 156 8.26 -24.58 -18.78
CA ASP B 156 8.20 -25.80 -17.97
C ASP B 156 8.43 -25.54 -16.49
N GLN B 157 9.29 -24.59 -16.15
CA GLN B 157 9.50 -24.23 -14.75
C GLN B 157 8.27 -23.55 -14.15
N CYS B 158 7.57 -22.74 -14.95
CA CYS B 158 6.34 -22.11 -14.50
C CYS B 158 5.19 -23.12 -14.39
N LYS B 159 5.21 -24.11 -15.30
CA LYS B 159 4.28 -25.25 -15.26
C LYS B 159 4.36 -25.99 -13.92
N ALA B 160 5.59 -26.31 -13.51
CA ALA B 160 5.82 -27.01 -12.23
C ALA B 160 5.36 -26.18 -11.04
N LEU B 161 5.66 -24.88 -11.07
CA LEU B 161 5.30 -23.98 -9.97
C LEU B 161 3.79 -23.83 -9.83
N HIS B 162 3.09 -23.84 -10.96
CA HIS B 162 1.63 -23.81 -10.98
C HIS B 162 1.05 -24.97 -10.17
N ILE B 163 1.47 -26.18 -10.50
CA ILE B 163 1.01 -27.37 -9.80
C ILE B 163 1.22 -27.24 -8.29
N GLU B 164 2.35 -26.65 -7.90
CA GLU B 164 2.71 -26.53 -6.49
C GLU B 164 1.87 -25.51 -5.76
N VAL B 165 1.54 -24.40 -6.43
CA VAL B 165 0.66 -23.39 -5.87
C VAL B 165 -0.75 -23.96 -5.66
N MET B 166 -1.23 -24.73 -6.63
CA MET B 166 -2.53 -25.38 -6.50
C MET B 166 -2.53 -26.40 -5.36
N ARG B 167 -1.42 -27.11 -5.15
CA ARG B 167 -1.28 -28.03 -4.02
C ARG B 167 -1.37 -27.27 -2.69
N ALA B 168 -0.82 -26.07 -2.67
CA ALA B 168 -0.86 -25.23 -1.47
C ALA B 168 -2.29 -24.79 -1.18
N ILE B 169 -3.04 -24.47 -2.23
CA ILE B 169 -4.45 -24.12 -2.08
C ILE B 169 -5.23 -25.33 -1.53
N ALA B 170 -4.92 -26.52 -2.05
CA ALA B 170 -5.57 -27.75 -1.59
C ALA B 170 -5.30 -28.01 -0.11
N VAL B 171 -4.04 -27.87 0.30
CA VAL B 171 -3.65 -28.08 1.70
C VAL B 171 -4.31 -27.04 2.60
N GLY B 172 -4.33 -25.79 2.14
CA GLY B 172 -4.98 -24.72 2.89
C GLY B 172 -6.47 -24.93 3.02
N MET B 173 -7.09 -25.53 2.00
CA MET B 173 -8.51 -25.87 2.02
C MET B 173 -8.81 -27.07 2.91
N GLY B 174 -7.80 -27.88 3.20
CA GLY B 174 -8.00 -29.10 3.98
C GLY B 174 -8.65 -30.20 3.17
N ILE B 175 -8.29 -30.29 1.89
CA ILE B 175 -8.70 -31.40 1.04
C ILE B 175 -7.43 -32.09 0.56
N ASP B 176 -7.59 -33.21 -0.16
CA ASP B 176 -6.45 -33.96 -0.67
C ASP B 176 -5.45 -33.01 -1.34
N ALA B 177 -4.19 -33.10 -0.91
CA ALA B 177 -3.13 -32.21 -1.36
C ALA B 177 -2.95 -32.23 -2.87
N ASN B 178 -3.25 -33.37 -3.50
CA ASN B 178 -3.08 -33.56 -4.94
C ASN B 178 -4.38 -33.43 -5.73
N TYR B 179 -5.40 -32.82 -5.12
CA TYR B 179 -6.72 -32.70 -5.75
C TYR B 179 -6.70 -32.08 -7.17
N PHE B 180 -5.89 -31.06 -7.38
CA PHE B 180 -5.89 -30.33 -8.66
C PHE B 180 -5.04 -30.99 -9.75
N ASP B 181 -4.15 -31.92 -9.37
CA ASP B 181 -3.24 -32.55 -10.32
C ASP B 181 -3.95 -32.99 -11.60
N SER B 182 -5.03 -33.75 -11.46
CA SER B 182 -5.74 -34.30 -12.62
C SER B 182 -6.44 -33.22 -13.45
N PHE B 183 -6.65 -32.04 -12.87
CA PHE B 183 -7.29 -30.92 -13.55
C PHE B 183 -6.30 -30.01 -14.26
N VAL B 184 -5.01 -30.12 -13.92
CA VAL B 184 -4.00 -29.23 -14.49
C VAL B 184 -2.82 -29.95 -15.16
N ASP B 185 -2.80 -31.28 -15.14
CA ASP B 185 -1.61 -32.04 -15.58
C ASP B 185 -1.16 -31.78 -17.03
N VAL B 186 -2.08 -31.41 -17.92
CA VAL B 186 -1.73 -31.19 -19.33
C VAL B 186 -0.84 -29.96 -19.52
N GLY B 187 -1.07 -28.93 -18.71
CA GLY B 187 -0.30 -27.69 -18.82
C GLY B 187 -0.76 -26.84 -20.00
N ASP B 188 -2.07 -26.61 -20.09
CA ASP B 188 -2.65 -25.73 -21.12
C ASP B 188 -2.47 -24.26 -20.73
N ASN B 189 -1.21 -23.86 -20.56
CA ASN B 189 -0.87 -22.54 -20.04
C ASN B 189 -0.31 -21.67 -21.15
N ILE B 190 -0.27 -20.36 -20.92
CA ILE B 190 0.26 -19.42 -21.89
C ILE B 190 1.29 -18.51 -21.24
N LEU B 191 2.51 -18.54 -21.78
CA LEU B 191 3.57 -17.64 -21.37
C LEU B 191 3.51 -16.37 -22.22
N ARG B 192 3.21 -15.24 -21.57
CA ARG B 192 3.11 -13.93 -22.25
C ARG B 192 4.26 -13.00 -21.87
N LEU B 193 5.19 -12.78 -22.80
CA LEU B 193 6.24 -11.78 -22.63
C LEU B 193 5.64 -10.41 -22.96
N LEU B 194 5.81 -9.45 -22.06
CA LEU B 194 5.27 -8.11 -22.25
C LEU B 194 6.38 -7.06 -22.32
N HIS B 195 6.23 -6.14 -23.26
CA HIS B 195 7.11 -4.98 -23.37
C HIS B 195 6.25 -3.71 -23.47
N TYR B 196 6.39 -2.83 -22.49
CA TYR B 196 5.72 -1.53 -22.50
C TYR B 196 6.79 -0.49 -22.85
N PRO B 197 6.78 0.00 -24.11
CA PRO B 197 7.84 0.89 -24.56
C PRO B 197 8.01 2.16 -23.74
N ALA B 198 9.18 2.77 -23.86
CA ALA B 198 9.44 4.08 -23.25
C ALA B 198 8.37 5.06 -23.71
N VAL B 199 7.80 5.79 -22.75
CA VAL B 199 6.71 6.72 -23.03
C VAL B 199 6.90 8.00 -22.22
N LYS B 200 6.70 9.14 -22.86
CA LYS B 200 6.76 10.43 -22.17
C LYS B 200 5.58 10.53 -21.21
N SER B 201 5.80 11.08 -20.02
CA SER B 201 4.72 11.26 -19.05
C SER B 201 3.66 12.26 -19.51
N GLU B 202 4.01 13.13 -20.46
CA GLU B 202 3.05 14.04 -21.10
C GLU B 202 1.93 13.29 -21.81
N VAL B 203 2.24 12.13 -22.40
CA VAL B 203 1.23 11.31 -23.08
C VAL B 203 0.05 10.97 -22.15
N PHE B 204 0.34 10.75 -20.87
CA PHE B 204 -0.70 10.47 -19.88
C PHE B 204 -1.39 11.72 -19.36
N LYS B 205 -0.64 12.82 -19.24
CA LYS B 205 -1.19 14.13 -18.87
C LYS B 205 -2.21 14.61 -19.92
N ILE B 206 -1.83 14.51 -21.19
CA ILE B 206 -2.71 14.80 -22.32
C ILE B 206 -4.05 14.07 -22.21
N ASN B 207 -3.98 12.81 -21.79
CA ASN B 207 -5.12 11.92 -21.81
C ASN B 207 -5.25 11.16 -20.48
N PRO B 208 -5.92 11.77 -19.48
CA PRO B 208 -6.27 10.99 -18.29
C PRO B 208 -7.23 9.90 -18.72
N GLY B 209 -6.76 8.65 -18.69
CA GLY B 209 -7.45 7.56 -19.36
C GLY B 209 -6.47 6.70 -20.14
N GLN B 210 -5.32 7.27 -20.49
CA GLN B 210 -4.24 6.49 -21.09
C GLN B 210 -3.69 5.53 -20.04
N VAL B 211 -3.45 4.30 -20.47
CA VAL B 211 -3.09 3.22 -19.59
C VAL B 211 -2.01 2.42 -20.30
N ARG B 212 -1.11 1.79 -19.55
CA ARG B 212 -0.16 0.85 -20.14
C ARG B 212 -0.82 -0.51 -20.35
N ALA B 213 -1.65 -0.93 -19.38
CA ALA B 213 -2.51 -2.10 -19.52
C ALA B 213 -3.86 -1.80 -18.88
N GLY B 214 -4.94 -1.94 -19.66
CA GLY B 214 -6.28 -1.60 -19.19
C GLY B 214 -6.77 -2.49 -18.07
N GLU B 215 -7.68 -1.97 -17.26
CA GLU B 215 -8.24 -2.72 -16.15
C GLU B 215 -9.00 -3.95 -16.65
N HIS B 216 -8.72 -5.09 -16.03
CA HIS B 216 -9.32 -6.35 -16.43
C HIS B 216 -9.19 -7.35 -15.27
N THR B 217 -9.85 -8.48 -15.41
CA THR B 217 -9.56 -9.65 -14.57
C THR B 217 -8.99 -10.72 -15.49
N ASP B 218 -8.11 -11.58 -14.95
CA ASP B 218 -7.55 -12.69 -15.71
C ASP B 218 -8.57 -13.80 -15.88
N TYR B 219 -8.41 -14.63 -16.91
CA TYR B 219 -9.42 -15.61 -17.28
C TYR B 219 -9.28 -16.95 -16.58
N GLY B 220 -8.06 -17.31 -16.20
CA GLY B 220 -7.72 -18.70 -15.86
C GLY B 220 -7.83 -19.11 -14.41
N SER B 221 -6.99 -20.05 -14.00
CA SER B 221 -6.92 -20.47 -12.61
C SER B 221 -6.04 -19.49 -11.85
N ILE B 222 -4.75 -19.46 -12.16
CA ILE B 222 -3.85 -18.45 -11.58
C ILE B 222 -2.92 -17.86 -12.63
N THR B 223 -2.36 -16.70 -12.29
CA THR B 223 -1.40 -16.02 -13.14
C THR B 223 -0.13 -15.77 -12.32
N LEU B 224 1.00 -16.22 -12.85
CA LEU B 224 2.31 -15.89 -12.28
C LEU B 224 2.86 -14.69 -13.02
N LEU B 225 3.03 -13.58 -12.32
CA LEU B 225 3.52 -12.35 -12.95
C LEU B 225 4.89 -11.96 -12.43
N PHE B 226 5.85 -11.90 -13.34
CA PHE B 226 7.21 -11.50 -13.02
C PHE B 226 7.36 -10.10 -13.58
N GLN B 227 7.52 -9.12 -12.69
CA GLN B 227 7.68 -7.74 -13.13
C GLN B 227 9.08 -7.26 -12.80
N ASP B 228 9.56 -6.31 -13.60
CA ASP B 228 10.83 -5.64 -13.34
C ASP B 228 10.59 -4.56 -12.26
N SER B 229 11.55 -3.66 -12.09
CA SER B 229 11.51 -2.68 -11.01
C SER B 229 10.83 -1.35 -11.38
N ARG B 230 10.27 -1.25 -12.59
CA ARG B 230 9.71 0.02 -13.07
C ARG B 230 8.50 0.48 -12.27
N GLY B 231 7.61 -0.44 -11.93
CA GLY B 231 6.37 -0.12 -11.21
C GLY B 231 5.23 0.09 -12.17
N GLY B 232 4.05 0.39 -11.64
CA GLY B 232 2.90 0.70 -12.49
C GLY B 232 1.74 -0.28 -12.36
N LEU B 233 2.02 -1.53 -11.96
CA LEU B 233 0.95 -2.48 -11.70
C LEU B 233 0.11 -1.99 -10.52
N GLN B 234 -1.21 -1.97 -10.70
CA GLN B 234 -2.13 -1.61 -9.63
C GLN B 234 -3.24 -2.65 -9.44
N VAL B 235 -3.63 -2.85 -8.19
CA VAL B 235 -4.68 -3.79 -7.83
C VAL B 235 -5.80 -3.03 -7.12
N LYS B 236 -7.04 -3.38 -7.47
CA LYS B 236 -8.19 -2.66 -6.95
C LYS B 236 -8.55 -3.16 -5.55
N SER B 237 -8.65 -2.23 -4.61
CA SER B 237 -9.01 -2.56 -3.23
C SER B 237 -10.48 -2.93 -3.17
N PRO B 238 -10.91 -3.59 -2.08
CA PRO B 238 -12.34 -3.84 -1.89
C PRO B 238 -13.18 -2.57 -1.72
N ASN B 239 -12.53 -1.43 -1.43
CA ASN B 239 -13.23 -0.14 -1.37
C ASN B 239 -13.30 0.58 -2.72
N GLY B 240 -12.71 0.00 -3.76
CA GLY B 240 -12.83 0.52 -5.13
C GLY B 240 -11.71 1.43 -5.61
N GLN B 241 -10.59 1.46 -4.88
CA GLN B 241 -9.45 2.30 -5.24
C GLN B 241 -8.28 1.44 -5.73
N PHE B 242 -7.66 1.87 -6.82
CA PHE B 242 -6.51 1.17 -7.38
C PHE B 242 -5.26 1.44 -6.54
N ILE B 243 -4.62 0.36 -6.07
CA ILE B 243 -3.46 0.45 -5.18
C ILE B 243 -2.21 -0.08 -5.90
N ASP B 244 -1.09 0.64 -5.75
CA ASP B 244 0.19 0.24 -6.34
C ASP B 244 0.66 -1.11 -5.79
N ALA B 245 1.02 -2.01 -6.71
CA ALA B 245 1.65 -3.28 -6.34
C ALA B 245 3.15 -3.10 -6.56
N THR B 246 3.80 -2.53 -5.55
CA THR B 246 5.22 -2.19 -5.63
C THR B 246 6.08 -3.40 -5.98
N PRO B 247 6.95 -3.26 -7.00
CA PRO B 247 7.89 -4.34 -7.31
C PRO B 247 8.81 -4.67 -6.14
N ILE B 248 9.00 -5.96 -5.92
CA ILE B 248 9.96 -6.44 -4.92
C ILE B 248 10.86 -7.43 -5.62
N GLU B 249 12.16 -7.18 -5.59
CA GLU B 249 13.14 -8.00 -6.28
C GLU B 249 12.97 -9.48 -5.94
N ASN B 250 13.08 -10.33 -6.96
CA ASN B 250 12.99 -11.78 -6.84
C ASN B 250 11.67 -12.31 -6.25
N THR B 251 10.59 -11.55 -6.41
CA THR B 251 9.25 -12.03 -6.07
C THR B 251 8.47 -12.34 -7.34
N VAL B 252 7.46 -13.19 -7.21
CA VAL B 252 6.49 -13.40 -8.27
C VAL B 252 5.13 -13.02 -7.69
N VAL B 253 4.41 -12.17 -8.43
CA VAL B 253 3.06 -11.75 -8.05
C VAL B 253 2.09 -12.79 -8.59
N VAL B 254 1.32 -13.41 -7.70
CA VAL B 254 0.41 -14.48 -8.10
C VAL B 254 -1.04 -14.08 -7.80
N ASN B 255 -1.90 -14.22 -8.80
CA ASN B 255 -3.32 -13.89 -8.63
C ASN B 255 -4.25 -14.93 -9.23
N ALA B 256 -5.39 -15.12 -8.60
CA ALA B 256 -6.39 -16.04 -9.12
C ALA B 256 -7.12 -15.39 -10.29
N GLY B 257 -7.55 -16.23 -11.24
CA GLY B 257 -8.31 -15.77 -12.39
C GLY B 257 -9.78 -16.10 -12.23
N ASP B 258 -10.57 -15.71 -13.23
CA ASP B 258 -12.02 -15.84 -13.16
C ASP B 258 -12.50 -17.29 -13.11
N LEU B 259 -11.77 -18.19 -13.74
CA LEU B 259 -12.16 -19.60 -13.72
C LEU B 259 -11.98 -20.22 -12.33
N LEU B 260 -10.90 -19.87 -11.64
CA LEU B 260 -10.69 -20.33 -10.26
C LEU B 260 -11.69 -19.70 -9.29
N ALA B 261 -11.99 -18.43 -9.49
CA ALA B 261 -13.05 -17.77 -8.71
C ALA B 261 -14.35 -18.57 -8.83
N ARG B 262 -14.73 -18.91 -10.05
CA ARG B 262 -15.93 -19.69 -10.33
C ARG B 262 -15.82 -21.12 -9.76
N TRP B 263 -14.67 -21.75 -10.03
CA TRP B 263 -14.35 -23.10 -9.56
C TRP B 263 -14.46 -23.22 -8.05
N SER B 264 -14.01 -22.17 -7.35
CA SER B 264 -14.03 -22.14 -5.89
C SER B 264 -15.36 -21.69 -5.29
N ASN B 265 -16.40 -21.54 -6.12
CA ASN B 265 -17.69 -21.04 -5.67
C ASN B 265 -17.58 -19.64 -5.05
N ASP B 266 -16.70 -18.82 -5.64
CA ASP B 266 -16.41 -17.45 -5.18
C ASP B 266 -15.86 -17.37 -3.74
N THR B 267 -15.23 -18.45 -3.26
CA THR B 267 -14.50 -18.39 -1.99
C THR B 267 -13.11 -17.80 -2.24
N ILE B 268 -12.63 -17.93 -3.48
CA ILE B 268 -11.38 -17.32 -3.93
C ILE B 268 -11.72 -16.15 -4.85
N LYS B 269 -10.97 -15.05 -4.72
CA LYS B 269 -11.28 -13.81 -5.44
C LYS B 269 -10.42 -13.63 -6.68
N SER B 270 -11.04 -13.19 -7.77
CA SER B 270 -10.33 -12.76 -8.96
C SER B 270 -10.45 -11.24 -9.02
N THR B 271 -9.33 -10.56 -8.81
CA THR B 271 -9.35 -9.13 -8.52
C THR B 271 -8.98 -8.28 -9.74
N VAL B 272 -9.70 -7.17 -9.92
CA VAL B 272 -9.43 -6.25 -11.01
C VAL B 272 -8.07 -5.59 -10.82
N HIS B 273 -7.27 -5.57 -11.89
CA HIS B 273 -5.97 -4.94 -11.84
C HIS B 273 -5.63 -4.25 -13.17
N ARG B 274 -4.55 -3.47 -13.15
CA ARG B 274 -4.15 -2.68 -14.32
C ARG B 274 -2.69 -2.26 -14.22
N VAL B 275 -2.17 -1.73 -15.32
CA VAL B 275 -0.82 -1.15 -15.35
C VAL B 275 -0.93 0.28 -15.85
N VAL B 276 -0.55 1.23 -15.00
CA VAL B 276 -0.57 2.65 -15.35
C VAL B 276 0.84 3.21 -15.30
N GLU B 277 0.94 4.54 -15.35
CA GLU B 277 2.19 5.25 -15.13
C GLU B 277 2.91 4.80 -13.88
N PRO B 278 4.24 4.61 -13.97
CA PRO B 278 5.01 4.41 -12.75
C PRO B 278 4.83 5.60 -11.80
N PRO B 279 4.72 5.33 -10.49
CA PRO B 279 4.52 6.43 -9.54
C PRO B 279 5.62 7.49 -9.54
N LYS B 280 6.86 7.09 -9.80
CA LYS B 280 7.98 8.03 -9.70
C LYS B 280 7.93 9.11 -10.79
N GLN B 281 8.30 10.33 -10.39
CA GLN B 281 8.15 11.52 -11.21
C GLN B 281 9.32 11.65 -12.18
N GLU B 282 9.02 11.74 -13.48
CA GLU B 282 10.07 11.86 -14.51
C GLU B 282 9.53 12.30 -15.88
N ASP B 283 10.43 12.81 -16.72
CA ASP B 283 10.09 13.23 -18.08
C ASP B 283 9.70 12.04 -18.95
N VAL B 284 10.58 11.05 -18.99
CA VAL B 284 10.39 9.85 -19.82
C VAL B 284 10.35 8.62 -18.91
N HIS B 285 9.26 7.86 -18.99
CA HIS B 285 9.19 6.57 -18.33
C HIS B 285 9.89 5.54 -19.20
N PRO B 286 10.98 4.93 -18.68
CA PRO B 286 11.72 3.97 -19.51
C PRO B 286 10.94 2.68 -19.78
N PRO B 287 11.48 1.83 -20.68
CA PRO B 287 10.80 0.57 -21.02
C PRO B 287 10.49 -0.29 -19.80
N ARG B 288 9.28 -0.81 -19.73
CA ARG B 288 8.89 -1.77 -18.69
C ARG B 288 8.71 -3.15 -19.30
N TYR B 289 9.31 -4.14 -18.65
CA TYR B 289 9.19 -5.54 -19.04
C TYR B 289 8.50 -6.30 -17.94
N SER B 290 7.54 -7.14 -18.33
CA SER B 290 6.98 -8.12 -17.41
C SER B 290 6.69 -9.42 -18.16
N ILE B 291 6.49 -10.48 -17.39
CA ILE B 291 6.14 -11.77 -17.96
C ILE B 291 4.96 -12.30 -17.17
N ALA B 292 3.86 -12.55 -17.88
CA ALA B 292 2.66 -13.09 -17.28
C ALA B 292 2.52 -14.53 -17.73
N TYR B 293 2.57 -15.46 -16.79
CA TYR B 293 2.35 -16.87 -17.11
C TYR B 293 0.93 -17.25 -16.69
N PHE B 294 0.04 -17.36 -17.68
CA PHE B 294 -1.37 -17.64 -17.43
C PHE B 294 -1.57 -19.13 -17.29
N CYS B 295 -1.96 -19.57 -16.09
CA CYS B 295 -2.24 -20.97 -15.83
C CYS B 295 -3.73 -21.23 -16.02
N ASN B 296 -4.05 -22.36 -16.63
CA ASN B 296 -5.44 -22.76 -16.84
C ASN B 296 -5.63 -24.24 -16.50
N PRO B 297 -6.84 -24.62 -16.09
CA PRO B 297 -7.13 -26.05 -16.02
C PRO B 297 -7.07 -26.66 -17.41
N ASN B 298 -6.92 -27.98 -17.49
CA ASN B 298 -6.88 -28.66 -18.78
C ASN B 298 -8.10 -28.27 -19.63
N HIS B 299 -7.92 -28.16 -20.94
CA HIS B 299 -9.03 -27.86 -21.85
C HIS B 299 -10.20 -28.83 -21.69
N LYS B 300 -9.89 -30.10 -21.45
CA LYS B 300 -10.89 -31.14 -21.31
C LYS B 300 -11.58 -31.14 -19.94
N SER B 301 -11.00 -30.43 -18.97
CA SER B 301 -11.55 -30.40 -17.62
C SER B 301 -12.97 -29.82 -17.56
N TYR B 302 -13.81 -30.45 -16.75
CA TYR B 302 -15.14 -29.95 -16.43
C TYR B 302 -15.05 -29.24 -15.07
N ILE B 303 -15.47 -27.98 -15.02
CA ILE B 303 -15.28 -27.15 -13.86
C ILE B 303 -16.59 -26.93 -13.10
N GLU B 304 -16.65 -27.45 -11.88
CA GLU B 304 -17.77 -27.18 -10.97
C GLU B 304 -17.23 -27.08 -9.55
N ALA B 305 -18.09 -26.68 -8.62
CA ALA B 305 -17.66 -26.31 -7.27
C ALA B 305 -16.66 -27.30 -6.65
N ILE B 306 -15.53 -26.76 -6.19
CA ILE B 306 -14.53 -27.54 -5.47
C ILE B 306 -15.15 -28.02 -4.14
N PRO B 307 -14.98 -29.30 -3.79
CA PRO B 307 -15.55 -29.78 -2.53
C PRO B 307 -15.03 -28.99 -1.33
N GLY B 308 -15.93 -28.66 -0.40
CA GLY B 308 -15.59 -27.83 0.75
C GLY B 308 -15.82 -26.34 0.55
N THR B 309 -16.23 -25.92 -0.66
CA THR B 309 -16.52 -24.51 -0.92
C THR B 309 -18.01 -24.17 -0.81
N TYR B 310 -18.79 -25.12 -0.32
CA TYR B 310 -20.21 -24.94 -0.06
C TYR B 310 -20.65 -26.05 0.88
N ALA B 311 -21.69 -25.78 1.68
CA ALA B 311 -22.28 -26.82 2.52
C ALA B 311 -23.45 -27.49 1.79
N ALA B 312 -24.54 -26.76 1.63
CA ALA B 312 -25.72 -27.27 0.92
C ALA B 312 -25.57 -27.00 -0.58
N GLU B 313 -26.18 -27.85 -1.39
CA GLU B 313 -26.10 -27.71 -2.85
C GLU B 313 -26.65 -26.37 -3.33
N SER B 314 -27.66 -25.86 -2.63
CA SER B 314 -28.27 -24.57 -2.97
C SER B 314 -27.29 -23.38 -2.88
N GLU B 315 -26.19 -23.57 -2.16
CA GLU B 315 -25.13 -22.55 -2.08
C GLU B 315 -24.24 -22.49 -3.32
N ARG B 316 -24.35 -23.48 -4.20
CA ARG B 316 -23.57 -23.48 -5.43
C ARG B 316 -24.08 -22.43 -6.45
N LYS B 317 -23.22 -21.49 -6.79
CA LYS B 317 -23.61 -20.32 -7.58
C LYS B 317 -23.65 -20.57 -9.09
N TYR B 318 -22.88 -21.52 -9.59
CA TYR B 318 -22.65 -21.66 -11.03
C TYR B 318 -22.92 -23.05 -11.57
N GLU B 319 -23.49 -23.10 -12.77
CA GLU B 319 -23.55 -24.34 -13.55
C GLU B 319 -22.14 -24.74 -13.96
N GLY B 320 -21.92 -26.03 -14.17
CA GLY B 320 -20.64 -26.51 -14.64
C GLY B 320 -20.37 -26.06 -16.06
N ILE B 321 -19.09 -25.88 -16.40
CA ILE B 321 -18.67 -25.59 -17.77
C ILE B 321 -17.41 -26.36 -18.10
N ASN B 322 -17.18 -26.52 -19.40
CA ASN B 322 -15.92 -27.05 -19.88
C ASN B 322 -14.88 -25.95 -19.84
N SER B 323 -13.68 -26.29 -19.37
CA SER B 323 -12.64 -25.28 -19.18
C SER B 323 -12.19 -24.65 -20.49
N GLY B 324 -11.92 -25.48 -21.50
CA GLY B 324 -11.47 -25.01 -22.80
C GLY B 324 -12.49 -24.11 -23.49
N LYS B 325 -13.75 -24.52 -23.46
CA LYS B 325 -14.82 -23.75 -24.08
C LYS B 325 -14.98 -22.39 -23.37
N TYR B 326 -14.82 -22.38 -22.06
CA TYR B 326 -14.84 -21.13 -21.30
C TYR B 326 -13.76 -20.15 -21.79
N LEU B 327 -12.55 -20.66 -21.95
CA LEU B 327 -11.39 -19.81 -22.25
C LEU B 327 -11.44 -19.21 -23.65
N VAL B 328 -11.85 -20.00 -24.65
CA VAL B 328 -12.00 -19.47 -26.01
C VAL B 328 -13.09 -18.39 -26.08
N GLN B 329 -14.16 -18.56 -25.31
CA GLN B 329 -15.22 -17.56 -25.25
C GLN B 329 -14.69 -16.22 -24.71
N ARG B 330 -13.90 -16.27 -23.64
CA ARG B 330 -13.29 -15.05 -23.10
C ARG B 330 -12.30 -14.43 -24.09
N LEU B 331 -11.48 -15.27 -24.72
CA LEU B 331 -10.49 -14.81 -25.68
C LEU B 331 -11.08 -14.32 -27.00
N ALA B 332 -12.20 -14.90 -27.42
CA ALA B 332 -12.79 -14.63 -28.74
C ALA B 332 -13.91 -13.58 -28.75
N ALA B 333 -14.39 -13.18 -27.58
CA ALA B 333 -15.54 -12.26 -27.48
C ALA B 333 -15.29 -10.93 -28.20
N THR B 334 -14.03 -10.48 -28.23
CA THR B 334 -13.63 -9.33 -29.03
C THR B 334 -12.72 -9.79 -30.17
N MET C 3 -10.81 19.52 -4.29
CA MET C 3 -10.93 18.59 -5.46
C MET C 3 -10.70 17.11 -5.09
N GLU C 4 -9.74 16.84 -4.22
CA GLU C 4 -9.48 15.47 -3.73
C GLU C 4 -10.65 14.93 -2.90
N LYS C 5 -10.71 13.60 -2.78
CA LYS C 5 -11.77 12.95 -2.01
C LYS C 5 -11.52 13.15 -0.52
N ALA C 6 -12.58 13.41 0.23
CA ALA C 6 -12.48 13.55 1.68
C ALA C 6 -11.90 12.28 2.31
N ALA C 7 -11.03 12.45 3.29
CA ALA C 7 -10.48 11.34 4.06
C ALA C 7 -11.55 10.73 4.96
N VAL C 8 -12.43 11.59 5.49
CA VAL C 8 -13.57 11.18 6.30
C VAL C 8 -14.78 12.01 5.90
N ASN C 9 -15.93 11.35 5.80
CA ASN C 9 -17.17 12.03 5.44
C ASN C 9 -18.38 11.32 6.05
N GLU C 10 -18.59 11.54 7.35
CA GLU C 10 -19.65 10.87 8.08
C GLU C 10 -20.26 11.73 9.18
N ASP C 11 -21.59 11.71 9.25
CA ASP C 11 -22.33 12.33 10.35
C ASP C 11 -22.08 13.84 10.48
N GLY C 12 -21.86 14.50 9.34
CA GLY C 12 -21.57 15.95 9.31
C GLY C 12 -20.09 16.28 9.47
N LEU C 13 -19.27 15.26 9.71
CA LEU C 13 -17.83 15.45 9.83
C LEU C 13 -17.17 15.24 8.48
N VAL C 14 -16.56 16.30 7.94
CA VAL C 14 -15.86 16.23 6.65
C VAL C 14 -14.40 16.64 6.85
N ILE C 15 -13.51 15.65 6.86
CA ILE C 15 -12.08 15.89 7.01
C ILE C 15 -11.47 15.76 5.63
N PRO C 16 -11.06 16.89 5.03
CA PRO C 16 -10.57 16.84 3.65
C PRO C 16 -9.19 16.24 3.56
N LEU C 17 -8.90 15.61 2.42
CA LEU C 17 -7.55 15.18 2.07
C LEU C 17 -6.99 16.21 1.10
N ILE C 18 -5.93 16.90 1.51
CA ILE C 18 -5.41 18.04 0.77
C ILE C 18 -3.96 17.78 0.36
N ASP C 19 -3.66 18.05 -0.91
CA ASP C 19 -2.31 17.92 -1.45
C ASP C 19 -1.53 19.20 -1.12
N PHE C 20 -0.65 19.12 -0.13
CA PHE C 20 0.06 20.28 0.39
C PHE C 20 1.12 20.85 -0.56
N SER C 21 1.62 20.02 -1.47
CA SER C 21 2.58 20.48 -2.46
C SER C 21 1.96 21.54 -3.38
N LYS C 22 0.63 21.54 -3.47
CA LYS C 22 -0.10 22.53 -4.25
C LYS C 22 -0.15 23.90 -3.56
N PHE C 23 0.11 23.94 -2.25
CA PHE C 23 0.28 25.20 -1.54
C PHE C 23 1.72 25.70 -1.63
N LEU C 24 2.67 24.78 -1.63
CA LEU C 24 4.09 25.15 -1.64
C LEU C 24 4.63 25.44 -3.04
N GLU C 25 4.11 24.76 -4.06
CA GLU C 25 4.75 24.77 -5.40
C GLU C 25 3.87 25.15 -6.59
N GLY C 26 2.56 25.31 -6.40
CA GLY C 26 1.67 25.60 -7.53
C GLY C 26 1.81 27.02 -8.10
N ASP C 27 0.85 27.40 -8.95
CA ASP C 27 0.66 28.81 -9.29
C ASP C 27 -0.13 29.47 -8.16
N GLU C 28 -0.29 30.79 -8.22
CA GLU C 28 -0.95 31.52 -7.14
C GLU C 28 -2.42 31.17 -6.95
N THR C 29 -3.13 30.97 -8.07
CA THR C 29 -4.54 30.60 -8.02
C THR C 29 -4.73 29.26 -7.29
N LEU C 30 -3.80 28.34 -7.53
CA LEU C 30 -3.84 27.01 -6.93
C LEU C 30 -3.37 27.04 -5.48
N LYS C 31 -2.29 27.77 -5.21
CA LYS C 31 -1.83 28.00 -3.84
C LYS C 31 -2.96 28.55 -2.98
N LEU C 32 -3.68 29.52 -3.53
CA LEU C 32 -4.80 30.14 -2.82
C LEU C 32 -5.93 29.15 -2.58
N GLU C 33 -6.27 28.38 -3.62
CA GLU C 33 -7.32 27.37 -3.54
C GLU C 33 -7.02 26.37 -2.39
N THR C 34 -5.79 25.87 -2.36
CA THR C 34 -5.36 24.91 -1.34
C THR C 34 -5.41 25.51 0.05
N ALA C 35 -4.93 26.76 0.18
CA ALA C 35 -4.93 27.47 1.45
C ALA C 35 -6.34 27.60 2.01
N LYS C 36 -7.30 27.91 1.14
CA LYS C 36 -8.68 28.07 1.59
C LYS C 36 -9.34 26.74 1.97
N ALA C 37 -8.97 25.66 1.27
CA ALA C 37 -9.47 24.34 1.63
C ALA C 37 -8.89 23.89 2.97
N ILE C 38 -7.63 24.21 3.23
CA ILE C 38 -6.96 23.92 4.50
C ILE C 38 -7.68 24.61 5.67
N LEU C 39 -7.90 25.92 5.53
CA LEU C 39 -8.60 26.68 6.56
C LEU C 39 -10.03 26.19 6.74
N HIS C 40 -10.72 25.96 5.63
CA HIS C 40 -12.09 25.48 5.68
C HIS C 40 -12.18 24.20 6.52
N GLY C 41 -11.23 23.29 6.34
CA GLY C 41 -11.17 22.08 7.16
C GLY C 41 -11.04 22.37 8.64
N PHE C 42 -10.17 23.30 9.00
CA PHE C 42 -9.97 23.70 10.40
C PHE C 42 -11.20 24.39 10.98
N GLN C 43 -11.92 25.13 10.14
CA GLN C 43 -13.12 25.87 10.55
C GLN C 43 -14.34 24.97 10.75
N THR C 44 -14.27 23.74 10.25
CA THR C 44 -15.43 22.85 10.26
C THR C 44 -15.13 21.59 11.08
N ALA C 45 -14.28 20.71 10.57
CA ALA C 45 -13.92 19.48 11.28
C ALA C 45 -12.87 19.72 12.37
N GLY C 46 -12.07 20.77 12.23
CA GLY C 46 -10.90 20.99 13.09
C GLY C 46 -9.74 20.07 12.74
N PHE C 47 -9.92 19.25 11.71
CA PHE C 47 -8.96 18.23 11.30
C PHE C 47 -8.84 18.28 9.78
N ILE C 48 -7.62 18.06 9.28
CA ILE C 48 -7.37 17.79 7.86
C ILE C 48 -6.36 16.64 7.73
N TYR C 49 -6.32 16.02 6.56
CA TYR C 49 -5.23 15.14 6.17
C TYR C 49 -4.42 15.88 5.09
N LEU C 50 -3.09 15.87 5.23
CA LEU C 50 -2.21 16.39 4.20
C LEU C 50 -1.39 15.29 3.58
N LYS C 51 -1.35 15.26 2.25
CA LYS C 51 -0.48 14.37 1.49
C LYS C 51 0.56 15.22 0.73
N ASN C 52 1.61 14.57 0.23
CA ASN C 52 2.73 15.22 -0.48
C ASN C 52 3.33 16.37 0.31
N ILE C 53 3.64 16.09 1.57
CA ILE C 53 4.30 17.06 2.44
C ILE C 53 5.82 16.97 2.25
N PRO C 54 6.56 18.03 2.61
CA PRO C 54 8.03 18.05 2.45
C PRO C 54 8.78 16.91 3.13
N ILE C 55 8.20 16.34 4.18
CA ILE C 55 8.87 15.28 4.93
C ILE C 55 8.78 13.97 4.15
N GLN C 56 9.95 13.41 3.85
CA GLN C 56 10.04 12.26 2.96
C GLN C 56 9.58 10.97 3.64
N PRO C 57 8.82 10.12 2.90
CA PRO C 57 8.26 8.89 3.48
C PRO C 57 9.33 7.94 4.02
N ASP C 58 10.46 7.91 3.33
CA ASP C 58 11.64 7.12 3.72
C ASP C 58 12.19 7.48 5.09
N PHE C 59 12.35 8.78 5.35
CA PHE C 59 12.84 9.26 6.63
C PHE C 59 11.79 9.05 7.72
N ARG C 60 10.52 9.27 7.38
CA ARG C 60 9.42 8.99 8.30
C ARG C 60 9.50 7.54 8.79
N GLU C 61 9.66 6.62 7.85
CA GLU C 61 9.76 5.19 8.15
C GLU C 61 10.92 4.92 9.12
N HIS C 62 12.06 5.55 8.86
CA HIS C 62 13.24 5.43 9.71
C HIS C 62 12.98 5.99 11.12
N VAL C 63 12.31 7.13 11.19
CA VAL C 63 11.99 7.75 12.48
C VAL C 63 11.06 6.86 13.32
N PHE C 64 10.10 6.19 12.67
CA PHE C 64 9.25 5.23 13.37
C PHE C 64 10.03 4.00 13.85
N ASN C 65 10.95 3.51 13.03
CA ASN C 65 11.84 2.41 13.44
C ASN C 65 12.69 2.80 14.65
N THR C 66 13.20 4.03 14.64
CA THR C 66 14.00 4.56 15.73
C THR C 66 13.16 4.68 17.01
N SER C 67 11.92 5.12 16.86
CA SER C 67 11.00 5.22 17.99
C SER C 67 10.72 3.84 18.62
N ALA C 68 10.43 2.86 17.76
CA ALA C 68 10.21 1.49 18.22
C ALA C 68 11.40 0.96 19.03
N LYS C 69 12.60 1.28 18.57
CA LYS C 69 13.83 0.83 19.25
C LYS C 69 13.94 1.42 20.66
N PHE C 70 13.44 2.63 20.85
CA PHE C 70 13.46 3.25 22.17
C PHE C 70 12.51 2.56 23.15
N PHE C 71 11.31 2.25 22.70
CA PHE C 71 10.31 1.61 23.57
C PHE C 71 10.62 0.13 23.84
N LYS C 72 11.50 -0.46 23.03
CA LYS C 72 11.98 -1.82 23.26
C LYS C 72 12.93 -1.90 24.47
N LEU C 73 13.48 -0.76 24.88
CA LEU C 73 14.28 -0.69 26.11
C LEU C 73 13.57 -1.32 27.31
N PRO C 74 14.35 -1.81 28.30
CA PRO C 74 13.79 -2.31 29.55
C PRO C 74 13.01 -1.25 30.34
N LYS C 75 12.01 -1.70 31.08
CA LYS C 75 11.13 -0.85 31.90
C LYS C 75 11.90 0.14 32.78
N GLU C 76 13.04 -0.29 33.32
CA GLU C 76 13.88 0.57 34.16
C GLU C 76 14.59 1.66 33.35
N LYS C 77 15.22 1.27 32.23
CA LYS C 77 15.99 2.21 31.41
C LYS C 77 15.15 3.34 30.80
N LYS C 78 13.83 3.16 30.72
CA LYS C 78 12.93 4.19 30.21
C LYS C 78 12.44 5.10 31.33
N LEU C 79 12.33 4.58 32.55
CA LEU C 79 12.02 5.40 33.72
C LEU C 79 13.21 6.29 34.13
N GLU C 80 14.42 5.94 33.69
CA GLU C 80 15.59 6.81 33.85
C GLU C 80 15.30 8.20 33.31
N VAL C 81 14.89 8.24 32.05
CA VAL C 81 14.64 9.49 31.32
C VAL C 81 13.18 9.91 31.44
N GLY C 82 12.66 9.85 32.66
CA GLY C 82 11.24 10.05 32.90
C GLY C 82 10.78 11.49 32.89
N TRP C 83 9.47 11.65 32.79
CA TRP C 83 8.81 12.95 32.72
C TRP C 83 8.89 13.62 34.10
N THR C 84 9.48 14.81 34.15
CA THR C 84 9.66 15.54 35.41
C THR C 84 8.48 16.47 35.70
N THR C 85 8.47 17.67 35.09
CA THR C 85 7.51 18.72 35.41
C THR C 85 6.72 19.17 34.18
N PRO C 86 5.57 19.85 34.39
CA PRO C 86 4.80 20.38 33.26
C PRO C 86 5.48 21.53 32.52
N GLU C 87 6.30 22.31 33.23
CA GLU C 87 7.08 23.38 32.61
C GLU C 87 8.20 22.80 31.71
N ALA C 88 8.73 21.64 32.10
CA ALA C 88 9.69 20.91 31.27
C ALA C 88 8.99 20.22 30.09
N ASN C 89 7.96 19.43 30.41
CA ASN C 89 7.19 18.68 29.42
C ASN C 89 8.04 17.80 28.50
N ARG C 90 9.03 17.14 29.09
CA ARG C 90 9.96 16.29 28.35
C ARG C 90 10.14 14.95 29.05
N GLY C 91 10.43 13.91 28.28
CA GLY C 91 10.77 12.59 28.83
C GLY C 91 9.70 11.53 28.71
N TYR C 92 9.93 10.40 29.36
CA TYR C 92 9.09 9.21 29.25
C TYR C 92 7.99 9.18 30.33
N SER C 93 6.82 8.65 29.96
CA SER C 93 5.74 8.44 30.93
C SER C 93 4.88 7.22 30.57
N ALA C 94 4.43 6.50 31.60
CA ALA C 94 3.75 5.20 31.44
C ALA C 94 2.39 5.24 32.16
N PRO C 95 1.53 4.22 31.94
CA PRO C 95 0.17 4.30 32.50
C PRO C 95 0.12 4.25 34.03
N ASP C 118 -5.43 4.18 30.06
CA ASP C 118 -4.86 4.23 28.72
C ASP C 118 -3.69 3.26 28.56
N ILE C 119 -3.79 2.38 27.56
CA ILE C 119 -2.76 1.35 27.36
C ILE C 119 -1.70 1.91 26.44
N LYS C 120 -0.86 2.80 26.97
CA LYS C 120 0.14 3.48 26.17
C LYS C 120 1.35 3.95 26.97
N GLU C 121 2.43 4.19 26.24
CA GLU C 121 3.60 4.86 26.78
C GLU C 121 4.01 5.96 25.79
N SER C 122 4.67 6.98 26.31
CA SER C 122 5.09 8.11 25.48
C SER C 122 6.49 8.58 25.83
N TYR C 123 7.12 9.26 24.88
CA TYR C 123 8.39 9.93 25.11
C TYR C 123 8.37 11.28 24.41
N GLU C 124 8.66 12.34 25.16
CA GLU C 124 8.51 13.71 24.66
C GLU C 124 9.83 14.44 24.53
N ILE C 125 9.96 15.22 23.46
CA ILE C 125 11.21 15.86 23.05
C ILE C 125 10.92 17.30 22.63
N GLY C 126 11.56 18.25 23.30
CA GLY C 126 11.44 19.68 22.97
C GLY C 126 12.61 20.18 22.16
N ARG C 127 12.67 21.49 21.93
CA ARG C 127 13.82 22.08 21.24
C ARG C 127 15.06 22.01 22.11
N GLU C 128 16.23 21.99 21.46
CA GLU C 128 17.51 21.78 22.15
C GLU C 128 18.07 23.01 22.86
N ASP C 129 17.57 24.21 22.51
CA ASP C 129 18.20 25.46 22.98
C ASP C 129 17.41 26.24 24.04
N GLU C 130 16.68 25.52 24.89
CA GLU C 130 15.86 26.15 25.93
C GLU C 130 16.57 26.12 27.28
N PRO C 131 16.91 27.30 27.84
CA PRO C 131 17.61 27.34 29.13
C PRO C 131 16.77 26.77 30.28
N GLY C 132 17.35 25.83 31.03
CA GLY C 132 16.71 25.25 32.21
C GLY C 132 15.97 23.94 31.98
N HIS C 133 15.64 23.63 30.73
CA HIS C 133 14.84 22.45 30.41
C HIS C 133 15.45 21.62 29.26
N PRO C 134 16.52 20.85 29.57
CA PRO C 134 17.15 20.05 28.53
C PRO C 134 16.42 18.74 28.25
N ASN C 135 16.64 18.18 27.06
CA ASN C 135 16.05 16.91 26.68
C ASN C 135 16.78 15.74 27.35
N PRO C 136 16.06 14.93 28.14
CA PRO C 136 16.69 13.75 28.73
C PRO C 136 16.86 12.64 27.69
N TRP C 137 17.96 12.69 26.95
CA TRP C 137 18.23 11.69 25.92
C TRP C 137 18.65 10.37 26.56
N PRO C 138 18.20 9.23 26.00
CA PRO C 138 18.63 7.93 26.51
C PRO C 138 20.08 7.63 26.13
N ALA C 139 20.68 6.68 26.84
CA ALA C 139 22.07 6.28 26.59
C ALA C 139 22.24 5.84 25.13
N GLU C 140 23.17 6.48 24.43
CA GLU C 140 23.45 6.17 23.03
C GLU C 140 24.32 4.91 22.91
N GLN C 141 23.67 3.77 22.69
CA GLN C 141 24.37 2.51 22.41
C GLN C 141 23.45 1.49 21.74
N ASP C 142 24.06 0.51 21.08
CA ASP C 142 23.34 -0.58 20.42
C ASP C 142 22.32 0.08 19.49
N ASP C 143 21.04 -0.29 19.61
CA ASP C 143 20.00 0.11 18.65
C ASP C 143 19.65 1.59 18.74
N LEU C 144 19.93 2.22 19.88
CA LEU C 144 19.66 3.65 20.06
C LEU C 144 20.82 4.56 19.61
N VAL C 145 21.77 4.00 18.87
CA VAL C 145 22.83 4.81 18.26
C VAL C 145 22.25 5.56 17.07
N GLY C 146 22.34 6.88 17.11
CA GLY C 146 21.72 7.74 16.09
C GLY C 146 20.33 8.23 16.47
N PHE C 147 19.91 7.94 17.70
CA PHE C 147 18.58 8.32 18.18
C PHE C 147 18.44 9.83 18.26
N LYS C 148 19.44 10.49 18.84
CA LYS C 148 19.41 11.93 19.06
C LYS C 148 19.34 12.72 17.76
N SER C 149 20.26 12.42 16.84
CA SER C 149 20.35 13.16 15.57
C SER C 149 19.15 12.89 14.66
N THR C 150 18.61 11.68 14.71
CA THR C 150 17.39 11.31 13.98
C THR C 150 16.20 12.15 14.43
N MET C 151 15.97 12.23 15.74
CA MET C 151 14.81 12.93 16.30
C MET C 151 14.92 14.45 16.20
N ASN C 152 16.13 14.97 16.43
CA ASN C 152 16.38 16.40 16.28
C ASN C 152 16.15 16.86 14.84
N ASN C 153 16.57 16.03 13.89
CA ASN C 153 16.33 16.35 12.48
C ASN C 153 14.84 16.30 12.17
N PHE C 154 14.15 15.29 12.71
CA PHE C 154 12.70 15.20 12.54
C PHE C 154 11.99 16.37 13.21
N PHE C 155 12.47 16.73 14.40
CA PHE C 155 11.94 17.88 15.11
C PHE C 155 12.02 19.13 14.24
N ASP C 156 13.19 19.36 13.64
CA ASP C 156 13.41 20.53 12.80
C ASP C 156 12.53 20.52 11.55
N GLN C 157 12.32 19.34 10.96
CA GLN C 157 11.46 19.22 9.78
C GLN C 157 9.99 19.50 10.11
N CYS C 158 9.53 19.02 11.26
CA CYS C 158 8.17 19.30 11.73
C CYS C 158 8.00 20.79 12.07
N LYS C 159 9.02 21.36 12.70
CA LYS C 159 9.07 22.80 13.00
C LYS C 159 8.82 23.61 11.74
N ALA C 160 9.45 23.21 10.64
CA ALA C 160 9.30 23.92 9.36
C ALA C 160 7.91 23.72 8.77
N LEU C 161 7.38 22.50 8.85
CA LEU C 161 6.03 22.24 8.35
C LEU C 161 4.98 23.06 9.11
N HIS C 162 5.15 23.18 10.43
CA HIS C 162 4.27 24.02 11.25
C HIS C 162 4.21 25.45 10.71
N ILE C 163 5.39 26.04 10.48
CA ILE C 163 5.47 27.40 9.92
C ILE C 163 4.66 27.50 8.61
N GLU C 164 4.80 26.49 7.74
CA GLU C 164 4.12 26.47 6.46
C GLU C 164 2.60 26.32 6.57
N VAL C 165 2.13 25.48 7.49
CA VAL C 165 0.69 25.29 7.70
C VAL C 165 0.04 26.55 8.26
N MET C 166 0.74 27.25 9.15
CA MET C 166 0.23 28.53 9.65
C MET C 166 0.18 29.60 8.55
N ARG C 167 1.12 29.57 7.62
CA ARG C 167 1.08 30.47 6.45
C ARG C 167 -0.15 30.20 5.60
N ALA C 168 -0.45 28.92 5.37
CA ALA C 168 -1.63 28.51 4.62
C ALA C 168 -2.91 29.00 5.29
N ILE C 169 -2.97 28.90 6.61
CA ILE C 169 -4.10 29.41 7.37
C ILE C 169 -4.23 30.94 7.18
N ALA C 170 -3.12 31.65 7.27
CA ALA C 170 -3.12 33.10 7.07
C ALA C 170 -3.57 33.50 5.66
N VAL C 171 -3.08 32.79 4.64
CA VAL C 171 -3.48 33.05 3.26
C VAL C 171 -4.96 32.72 3.06
N GLY C 172 -5.40 31.61 3.63
CA GLY C 172 -6.81 31.24 3.63
C GLY C 172 -7.69 32.26 4.33
N MET C 173 -7.16 32.89 5.38
CA MET C 173 -7.89 33.93 6.12
C MET C 173 -7.96 35.25 5.36
N GLY C 174 -7.05 35.45 4.41
CA GLY C 174 -6.96 36.71 3.68
C GLY C 174 -6.25 37.79 4.47
N ILE C 175 -5.26 37.38 5.26
CA ILE C 175 -4.40 38.31 5.99
C ILE C 175 -2.97 38.08 5.52
N ASP C 176 -2.02 38.87 6.03
CA ASP C 176 -0.64 38.74 5.63
C ASP C 176 -0.16 37.30 5.80
N ALA C 177 0.41 36.74 4.73
CA ALA C 177 0.88 35.35 4.71
C ALA C 177 1.81 34.99 5.87
N ASN C 178 2.59 35.97 6.34
CA ASN C 178 3.56 35.74 7.41
C ASN C 178 3.09 36.19 8.80
N TYR C 179 1.78 36.36 8.98
CA TYR C 179 1.24 36.86 10.25
C TYR C 179 1.68 36.06 11.47
N PHE C 180 1.74 34.74 11.33
CA PHE C 180 2.04 33.86 12.48
C PHE C 180 3.54 33.68 12.75
N ASP C 181 4.39 34.07 11.80
CA ASP C 181 5.84 33.88 11.93
C ASP C 181 6.38 34.35 13.28
N SER C 182 6.12 35.60 13.63
CA SER C 182 6.63 36.19 14.87
C SER C 182 5.96 35.60 16.12
N PHE C 183 4.83 34.94 15.95
CA PHE C 183 4.15 34.26 17.07
C PHE C 183 4.66 32.84 17.32
N VAL C 184 5.37 32.27 16.36
CA VAL C 184 5.80 30.86 16.46
C VAL C 184 7.29 30.60 16.18
N ASP C 185 8.07 31.65 15.88
CA ASP C 185 9.44 31.46 15.39
C ASP C 185 10.42 30.80 16.37
N VAL C 186 10.15 30.86 17.67
CA VAL C 186 11.00 30.21 18.67
C VAL C 186 10.96 28.69 18.55
N GLY C 187 9.79 28.15 18.21
CA GLY C 187 9.62 26.70 18.07
C GLY C 187 9.47 25.97 19.40
N ASP C 188 8.67 26.53 20.30
CA ASP C 188 8.35 25.87 21.58
C ASP C 188 7.36 24.72 21.34
N ASN C 189 7.81 23.71 20.61
CA ASN C 189 6.98 22.58 20.19
C ASN C 189 7.44 21.30 20.89
N ILE C 190 6.58 20.28 20.87
CA ILE C 190 6.90 19.02 21.54
C ILE C 190 6.64 17.84 20.61
N LEU C 191 7.70 17.08 20.35
CA LEU C 191 7.64 15.87 19.56
C LEU C 191 7.35 14.71 20.50
N ARG C 192 6.11 14.21 20.45
CA ARG C 192 5.68 13.10 21.31
C ARG C 192 5.70 11.79 20.54
N LEU C 193 6.60 10.90 20.94
CA LEU C 193 6.63 9.54 20.41
C LEU C 193 5.67 8.69 21.23
N LEU C 194 4.77 7.99 20.55
CA LEU C 194 3.77 7.16 21.22
C LEU C 194 3.93 5.69 20.83
N HIS C 195 3.75 4.81 21.80
CA HIS C 195 3.71 3.37 21.56
C HIS C 195 2.55 2.78 22.34
N TYR C 196 1.64 2.15 21.61
CA TYR C 196 0.52 1.44 22.20
C TYR C 196 0.82 -0.05 22.08
N PRO C 197 1.20 -0.70 23.20
CA PRO C 197 1.64 -2.09 23.14
C PRO C 197 0.59 -3.05 22.60
N ALA C 198 1.02 -4.23 22.19
CA ALA C 198 0.10 -5.30 21.81
C ALA C 198 -0.89 -5.53 22.94
N VAL C 199 -2.17 -5.67 22.59
CA VAL C 199 -3.22 -5.86 23.57
C VAL C 199 -4.25 -6.87 23.04
N LYS C 200 -4.66 -7.79 23.90
CA LYS C 200 -5.68 -8.77 23.57
C LYS C 200 -7.04 -8.06 23.45
N SER C 201 -7.79 -8.40 22.40
CA SER C 201 -9.08 -7.77 22.16
C SER C 201 -10.08 -8.07 23.26
N GLU C 202 -9.86 -9.17 23.99
CA GLU C 202 -10.66 -9.54 25.16
C GLU C 202 -10.79 -8.46 26.22
N VAL C 203 -9.73 -7.70 26.42
CA VAL C 203 -9.74 -6.59 27.37
C VAL C 203 -10.93 -5.65 27.13
N PHE C 204 -11.20 -5.36 25.86
CA PHE C 204 -12.24 -4.39 25.49
C PHE C 204 -13.64 -4.98 25.54
N LYS C 205 -13.77 -6.29 25.34
CA LYS C 205 -15.07 -6.97 25.49
C LYS C 205 -15.50 -7.01 26.94
N ILE C 206 -14.53 -7.27 27.83
CA ILE C 206 -14.76 -7.27 29.27
C ILE C 206 -15.14 -5.87 29.75
N ASN C 207 -14.29 -4.90 29.41
CA ASN C 207 -14.50 -3.49 29.73
C ASN C 207 -14.74 -2.72 28.43
N PRO C 208 -16.01 -2.61 27.99
CA PRO C 208 -16.32 -1.96 26.71
C PRO C 208 -15.97 -0.46 26.66
N GLY C 209 -15.73 0.14 27.82
CA GLY C 209 -15.24 1.51 27.89
C GLY C 209 -13.73 1.63 27.94
N GLN C 210 -13.01 0.52 27.80
CA GLN C 210 -11.54 0.57 27.74
C GLN C 210 -11.11 1.20 26.42
N VAL C 211 -10.01 1.93 26.47
CA VAL C 211 -9.58 2.77 25.37
C VAL C 211 -8.04 2.81 25.33
N ARG C 212 -7.47 3.05 24.16
CA ARG C 212 -6.01 3.19 24.01
C ARG C 212 -5.53 4.61 24.33
N ALA C 213 -6.28 5.61 23.91
CA ALA C 213 -6.05 6.98 24.37
C ALA C 213 -7.38 7.67 24.66
N GLY C 214 -7.52 8.19 25.87
CA GLY C 214 -8.75 8.82 26.31
C GLY C 214 -9.13 10.01 25.45
N GLU C 215 -10.43 10.26 25.34
CA GLU C 215 -10.94 11.40 24.58
C GLU C 215 -10.47 12.73 25.17
N HIS C 216 -10.06 13.64 24.29
CA HIS C 216 -9.51 14.92 24.72
C HIS C 216 -9.49 15.92 23.57
N THR C 217 -9.23 17.19 23.90
CA THR C 217 -8.83 18.16 22.89
C THR C 217 -7.37 18.50 23.13
N ASP C 218 -6.61 18.74 22.06
CA ASP C 218 -5.22 19.21 22.17
C ASP C 218 -5.16 20.66 22.65
N TYR C 219 -4.03 21.05 23.23
CA TYR C 219 -3.91 22.35 23.92
C TYR C 219 -3.39 23.48 23.05
N GLY C 220 -2.53 23.17 22.09
CA GLY C 220 -1.75 24.18 21.40
C GLY C 220 -2.42 24.78 20.19
N SER C 221 -1.61 25.18 19.21
CA SER C 221 -2.14 25.77 17.99
C SER C 221 -2.51 24.67 17.02
N ILE C 222 -1.53 23.88 16.58
CA ILE C 222 -1.84 22.67 15.80
C ILE C 222 -0.98 21.49 16.23
N THR C 223 -1.46 20.29 15.89
CA THR C 223 -0.74 19.05 16.12
C THR C 223 -0.52 18.34 14.77
N LEU C 224 0.72 17.92 14.52
CA LEU C 224 1.01 17.08 13.35
C LEU C 224 1.04 15.63 13.82
N LEU C 225 0.05 14.85 13.39
CA LEU C 225 -0.06 13.45 13.79
C LEU C 225 0.32 12.49 12.67
N PHE C 226 1.43 11.78 12.87
CA PHE C 226 1.85 10.71 11.98
C PHE C 226 1.44 9.39 12.62
N GLN C 227 0.52 8.67 11.98
CA GLN C 227 0.06 7.38 12.48
C GLN C 227 0.47 6.25 11.54
N ASP C 228 0.70 5.07 12.10
CA ASP C 228 0.96 3.86 11.30
C ASP C 228 -0.36 3.32 10.72
N SER C 229 -0.37 2.09 10.23
CA SER C 229 -1.55 1.54 9.55
C SER C 229 -2.47 0.69 10.43
N ARG C 230 -2.28 0.72 11.76
CA ARG C 230 -3.11 -0.12 12.64
C ARG C 230 -4.56 0.37 12.75
N GLY C 231 -4.74 1.69 12.72
CA GLY C 231 -6.06 2.29 12.91
C GLY C 231 -6.37 2.51 14.40
N GLY C 232 -7.53 3.07 14.67
CA GLY C 232 -7.95 3.34 16.05
C GLY C 232 -8.26 4.80 16.36
N LEU C 233 -7.61 5.72 15.65
CA LEU C 233 -7.87 7.15 15.84
C LEU C 233 -9.31 7.44 15.47
N GLN C 234 -10.04 8.11 16.36
CA GLN C 234 -11.40 8.54 16.08
C GLN C 234 -11.58 10.03 16.36
N VAL C 235 -12.39 10.69 15.54
CA VAL C 235 -12.68 12.11 15.68
C VAL C 235 -14.19 12.26 15.89
N LYS C 236 -14.58 13.12 16.84
CA LYS C 236 -15.99 13.25 17.20
C LYS C 236 -16.69 14.18 16.22
N SER C 237 -17.81 13.70 15.69
CA SER C 237 -18.54 14.42 14.66
C SER C 237 -19.25 15.61 15.28
N PRO C 238 -19.65 16.60 14.46
CA PRO C 238 -20.42 17.72 15.00
C PRO C 238 -21.79 17.27 15.55
N ASN C 239 -22.19 16.05 15.23
CA ASN C 239 -23.45 15.51 15.74
C ASN C 239 -23.27 14.52 16.89
N GLY C 240 -22.07 14.52 17.48
CA GLY C 240 -21.82 13.85 18.77
C GLY C 240 -21.40 12.40 18.70
N GLN C 241 -20.93 11.94 17.55
CA GLN C 241 -20.53 10.54 17.37
C GLN C 241 -19.09 10.42 16.91
N PHE C 242 -18.38 9.45 17.49
CA PHE C 242 -17.00 9.20 17.11
C PHE C 242 -16.93 8.49 15.76
N ILE C 243 -16.05 9.00 14.89
CA ILE C 243 -15.87 8.50 13.53
C ILE C 243 -14.41 8.10 13.34
N ASP C 244 -14.18 6.97 12.68
CA ASP C 244 -12.82 6.48 12.42
C ASP C 244 -12.06 7.44 11.50
N ALA C 245 -10.87 7.83 11.92
CA ALA C 245 -9.94 8.55 11.07
C ALA C 245 -8.99 7.50 10.48
N THR C 246 -9.43 6.88 9.39
CA THR C 246 -8.70 5.76 8.79
C THR C 246 -7.30 6.20 8.33
N PRO C 247 -6.28 5.36 8.57
CA PRO C 247 -4.95 5.69 8.07
C PRO C 247 -4.90 5.71 6.54
N ILE C 248 -4.33 6.76 5.98
CA ILE C 248 -4.04 6.81 4.54
C ILE C 248 -2.53 6.94 4.35
N GLU C 249 -2.01 6.17 3.40
CA GLU C 249 -0.56 6.09 3.12
C GLU C 249 0.09 7.46 2.91
N ASN C 250 1.19 7.69 3.61
CA ASN C 250 2.01 8.90 3.46
C ASN C 250 1.22 10.20 3.65
N THR C 251 0.39 10.23 4.68
CA THR C 251 -0.30 11.46 5.05
C THR C 251 0.07 11.86 6.46
N VAL C 252 -0.15 13.13 6.77
CA VAL C 252 -0.08 13.62 8.13
C VAL C 252 -1.48 14.12 8.45
N VAL C 253 -2.00 13.71 9.60
CA VAL C 253 -3.28 14.21 10.09
C VAL C 253 -2.94 15.44 10.91
N VAL C 254 -3.61 16.56 10.61
CA VAL C 254 -3.35 17.83 11.27
C VAL C 254 -4.62 18.35 11.91
N ASN C 255 -4.54 18.76 13.18
CA ASN C 255 -5.70 19.28 13.88
C ASN C 255 -5.38 20.51 14.73
N ALA C 256 -6.34 21.42 14.81
CA ALA C 256 -6.19 22.62 15.62
C ALA C 256 -6.34 22.26 17.08
N GLY C 257 -5.61 22.97 17.94
CA GLY C 257 -5.71 22.79 19.40
C GLY C 257 -6.48 23.93 20.04
N ASP C 258 -6.71 23.81 21.34
CA ASP C 258 -7.56 24.74 22.08
C ASP C 258 -7.07 26.19 22.04
N LEU C 259 -5.76 26.37 21.99
CA LEU C 259 -5.21 27.71 21.96
C LEU C 259 -5.54 28.38 20.62
N LEU C 260 -5.38 27.65 19.52
CA LEU C 260 -5.76 28.19 18.21
C LEU C 260 -7.26 28.48 18.13
N ALA C 261 -8.07 27.57 18.65
CA ALA C 261 -9.52 27.79 18.73
C ALA C 261 -9.84 29.14 19.36
N ARG C 262 -9.23 29.39 20.50
CA ARG C 262 -9.41 30.62 21.25
C ARG C 262 -8.84 31.83 20.48
N TRP C 263 -7.61 31.68 19.99
CA TRP C 263 -6.91 32.67 19.18
C TRP C 263 -7.69 33.09 17.93
N SER C 264 -8.43 32.15 17.36
CA SER C 264 -9.23 32.38 16.14
C SER C 264 -10.60 32.96 16.45
N ASN C 265 -10.86 33.24 17.72
CA ASN C 265 -12.21 33.60 18.21
C ASN C 265 -13.27 32.53 17.89
N ASP C 266 -12.87 31.27 18.02
CA ASP C 266 -13.71 30.11 17.72
C ASP C 266 -14.15 30.02 16.25
N THR C 267 -13.43 30.67 15.34
CA THR C 267 -13.68 30.47 13.90
C THR C 267 -13.05 29.15 13.47
N ILE C 268 -11.98 28.75 14.18
CA ILE C 268 -11.36 27.45 14.02
C ILE C 268 -11.74 26.52 15.19
N LYS C 269 -12.01 25.26 14.88
CA LYS C 269 -12.48 24.29 15.88
C LYS C 269 -11.32 23.48 16.44
N SER C 270 -11.37 23.23 17.75
CA SER C 270 -10.51 22.23 18.38
C SER C 270 -11.41 21.05 18.75
N THR C 271 -11.21 19.92 18.07
CA THR C 271 -12.17 18.82 18.05
C THR C 271 -11.75 17.65 18.96
N VAL C 272 -12.74 17.03 19.61
CA VAL C 272 -12.49 15.92 20.51
C VAL C 272 -12.11 14.70 19.69
N HIS C 273 -11.08 13.99 20.17
CA HIS C 273 -10.60 12.77 19.51
C HIS C 273 -10.02 11.81 20.53
N ARG C 274 -9.87 10.57 20.11
CA ARG C 274 -9.40 9.49 20.97
C ARG C 274 -8.81 8.39 20.11
N VAL C 275 -8.18 7.42 20.75
CA VAL C 275 -7.72 6.21 20.06
C VAL C 275 -8.38 5.01 20.73
N VAL C 276 -9.16 4.27 19.95
CA VAL C 276 -9.82 3.07 20.45
C VAL C 276 -9.13 1.83 19.90
N GLU C 277 -9.70 0.69 20.24
CA GLU C 277 -9.36 -0.60 19.64
C GLU C 277 -9.41 -0.48 18.11
N PRO C 278 -8.39 -0.99 17.41
CA PRO C 278 -8.46 -0.96 15.95
C PRO C 278 -9.74 -1.62 15.41
N PRO C 279 -10.28 -1.11 14.29
CA PRO C 279 -11.48 -1.69 13.70
C PRO C 279 -11.17 -2.97 12.91
N LYS C 280 -10.42 -3.88 13.51
CA LYS C 280 -10.01 -5.14 12.88
C LYS C 280 -10.26 -6.26 13.87
N GLN C 281 -10.94 -7.31 13.41
CA GLN C 281 -11.27 -8.42 14.28
C GLN C 281 -10.10 -9.40 14.36
N GLU C 282 -9.51 -9.50 15.55
CA GLU C 282 -8.32 -10.32 15.76
C GLU C 282 -8.15 -10.61 17.25
N ASP C 283 -7.39 -11.67 17.54
CA ASP C 283 -7.12 -12.09 18.91
C ASP C 283 -6.28 -11.08 19.67
N VAL C 284 -5.14 -10.74 19.08
CA VAL C 284 -4.20 -9.79 19.66
C VAL C 284 -4.01 -8.64 18.67
N HIS C 285 -4.32 -7.43 19.10
CA HIS C 285 -4.02 -6.25 18.31
C HIS C 285 -2.53 -5.98 18.44
N PRO C 286 -1.80 -5.95 17.32
CA PRO C 286 -0.36 -5.73 17.44
C PRO C 286 -0.04 -4.32 17.95
N PRO C 287 1.25 -4.03 18.20
CA PRO C 287 1.59 -2.70 18.66
C PRO C 287 1.21 -1.62 17.65
N ARG C 288 0.76 -0.46 18.15
CA ARG C 288 0.49 0.70 17.31
C ARG C 288 1.45 1.81 17.68
N TYR C 289 2.03 2.43 16.65
CA TYR C 289 2.91 3.58 16.84
C TYR C 289 2.29 4.80 16.19
N SER C 290 2.45 5.94 16.85
CA SER C 290 2.12 7.22 16.27
C SER C 290 3.09 8.25 16.80
N ILE C 291 3.12 9.41 16.16
CA ILE C 291 3.96 10.51 16.61
C ILE C 291 3.15 11.77 16.49
N ALA C 292 3.02 12.48 17.60
CA ALA C 292 2.24 13.69 17.67
C ALA C 292 3.16 14.87 17.92
N TYR C 293 3.35 15.70 16.91
CA TYR C 293 4.17 16.89 17.05
C TYR C 293 3.25 18.05 17.46
N PHE C 294 3.32 18.41 18.73
CA PHE C 294 2.48 19.48 19.28
C PHE C 294 3.13 20.83 19.03
N CYS C 295 2.47 21.66 18.22
CA CYS C 295 2.96 22.99 17.94
C CYS C 295 2.27 23.99 18.84
N ASN C 296 3.05 24.95 19.35
CA ASN C 296 2.53 26.01 20.18
C ASN C 296 3.09 27.35 19.74
N PRO C 297 2.39 28.45 20.09
CA PRO C 297 3.01 29.76 19.94
C PRO C 297 4.18 29.90 20.93
N ASN C 298 4.99 30.94 20.76
CA ASN C 298 6.11 31.18 21.68
C ASN C 298 5.59 31.38 23.10
N HIS C 299 6.33 30.86 24.08
CA HIS C 299 5.94 31.02 25.48
C HIS C 299 5.60 32.47 25.85
N LYS C 300 6.40 33.41 25.34
CA LYS C 300 6.24 34.83 25.65
C LYS C 300 5.08 35.51 24.90
N SER C 301 4.53 34.84 23.87
CA SER C 301 3.44 35.39 23.06
C SER C 301 2.19 35.67 23.88
N TYR C 302 1.53 36.79 23.57
CA TYR C 302 0.25 37.16 24.14
C TYR C 302 -0.83 36.85 23.10
N ILE C 303 -1.82 36.05 23.50
CA ILE C 303 -2.81 35.52 22.57
C ILE C 303 -4.16 36.23 22.73
N GLU C 304 -4.51 37.02 21.72
CA GLU C 304 -5.86 37.60 21.60
C GLU C 304 -6.33 37.46 20.16
N ALA C 305 -7.60 37.80 19.90
CA ALA C 305 -8.23 37.50 18.62
C ALA C 305 -7.39 37.88 17.39
N ILE C 306 -7.29 36.94 16.46
CA ILE C 306 -6.59 37.13 15.19
C ILE C 306 -7.40 38.08 14.31
N PRO C 307 -6.74 39.05 13.65
CA PRO C 307 -7.45 40.01 12.80
C PRO C 307 -8.27 39.33 11.71
N GLY C 308 -9.49 39.82 11.50
CA GLY C 308 -10.41 39.22 10.54
C GLY C 308 -11.33 38.16 11.11
N THR C 309 -11.13 37.77 12.38
CA THR C 309 -11.99 36.79 13.04
C THR C 309 -13.11 37.43 13.91
N TYR C 310 -13.18 38.75 13.88
CA TYR C 310 -14.25 39.50 14.57
C TYR C 310 -14.46 40.84 13.84
N ALA C 311 -15.70 41.34 13.84
CA ALA C 311 -16.00 42.63 13.23
C ALA C 311 -15.90 43.75 14.27
N ALA C 312 -16.77 43.71 15.28
CA ALA C 312 -16.71 44.67 16.38
C ALA C 312 -15.95 44.08 17.57
N GLU C 313 -15.49 44.94 18.46
CA GLU C 313 -14.78 44.51 19.67
C GLU C 313 -15.66 43.64 20.57
N SER C 314 -16.97 43.83 20.50
CA SER C 314 -17.92 43.07 21.32
C SER C 314 -17.96 41.60 20.96
N GLU C 315 -17.70 41.28 19.69
CA GLU C 315 -17.74 39.89 19.21
C GLU C 315 -16.56 39.05 19.73
N ARG C 316 -15.59 39.69 20.37
CA ARG C 316 -14.51 38.98 21.04
C ARG C 316 -15.02 38.12 22.20
N LYS C 317 -14.78 36.82 22.13
CA LYS C 317 -15.28 35.89 23.15
C LYS C 317 -14.36 35.78 24.36
N TYR C 318 -13.06 36.05 24.19
CA TYR C 318 -12.07 35.73 25.22
C TYR C 318 -11.11 36.87 25.56
N GLU C 319 -10.83 37.02 26.85
CA GLU C 319 -9.69 37.81 27.32
C GLU C 319 -8.39 37.24 26.77
N GLY C 320 -7.43 38.12 26.54
CA GLY C 320 -6.10 37.69 26.11
C GLY C 320 -5.39 36.91 27.20
N ILE C 321 -4.48 36.02 26.79
CA ILE C 321 -3.70 35.22 27.72
C ILE C 321 -2.27 35.03 27.23
N ASN C 322 -1.37 34.74 28.16
CA ASN C 322 0.00 34.39 27.81
C ASN C 322 0.07 32.93 27.40
N SER C 323 0.65 32.68 26.23
CA SER C 323 0.74 31.33 25.67
C SER C 323 1.37 30.38 26.68
N GLY C 324 2.55 30.73 27.17
CA GLY C 324 3.28 29.90 28.14
C GLY C 324 2.50 29.53 29.39
N LYS C 325 1.95 30.52 30.08
CA LYS C 325 1.15 30.29 31.29
C LYS C 325 -0.05 29.38 31.01
N TYR C 326 -0.72 29.62 29.90
CA TYR C 326 -1.86 28.80 29.51
C TYR C 326 -1.50 27.33 29.35
N LEU C 327 -0.40 27.06 28.64
CA LEU C 327 -0.02 25.68 28.32
C LEU C 327 0.43 24.92 29.57
N VAL C 328 1.15 25.60 30.46
CA VAL C 328 1.58 24.97 31.73
C VAL C 328 0.39 24.63 32.63
N GLN C 329 -0.60 25.52 32.71
CA GLN C 329 -1.83 25.26 33.47
C GLN C 329 -2.56 24.03 32.95
N ARG C 330 -2.67 23.89 31.62
CA ARG C 330 -3.30 22.71 31.03
C ARG C 330 -2.51 21.45 31.35
N LEU C 331 -1.18 21.54 31.30
CA LEU C 331 -0.30 20.40 31.60
C LEU C 331 -0.23 20.06 33.09
N ALA C 332 -0.32 21.06 33.96
CA ALA C 332 -0.27 20.86 35.41
C ALA C 332 -1.47 20.07 35.93
N ALA C 333 -2.63 20.32 35.34
CA ALA C 333 -3.88 19.64 35.74
C ALA C 333 -3.83 18.12 35.55
N THR C 334 -2.95 17.63 34.68
CA THR C 334 -2.75 16.19 34.49
C THR C 334 -2.13 15.55 35.74
N LYS D 5 26.49 -10.76 -14.48
CA LYS D 5 26.90 -10.92 -13.05
C LYS D 5 27.87 -9.84 -12.58
N ALA D 6 28.90 -9.56 -13.39
CA ALA D 6 29.88 -8.51 -13.10
C ALA D 6 29.48 -7.20 -13.75
N ALA D 7 29.71 -6.09 -13.04
CA ALA D 7 29.42 -4.76 -13.58
C ALA D 7 30.34 -4.42 -14.73
N VAL D 8 31.63 -4.71 -14.57
CA VAL D 8 32.63 -4.47 -15.62
C VAL D 8 33.56 -5.67 -15.73
N ASN D 9 33.92 -6.01 -16.97
CA ASN D 9 34.89 -7.06 -17.21
C ASN D 9 35.58 -6.82 -18.54
N GLU D 10 36.77 -6.23 -18.48
CA GLU D 10 37.53 -5.91 -19.69
C GLU D 10 38.99 -5.61 -19.36
N ASP D 11 39.89 -6.16 -20.16
CA ASP D 11 41.33 -5.85 -20.11
C ASP D 11 41.95 -6.22 -18.75
N GLY D 12 41.36 -7.20 -18.08
CA GLY D 12 41.82 -7.61 -16.76
C GLY D 12 41.13 -6.89 -15.61
N LEU D 13 40.33 -5.88 -15.91
CA LEU D 13 39.59 -5.14 -14.88
C LEU D 13 38.24 -5.81 -14.66
N VAL D 14 38.04 -6.35 -13.46
CA VAL D 14 36.79 -7.02 -13.11
C VAL D 14 36.16 -6.31 -11.92
N ILE D 15 35.07 -5.60 -12.15
CA ILE D 15 34.35 -4.90 -11.09
C ILE D 15 33.07 -5.69 -10.78
N PRO D 16 33.00 -6.32 -9.59
CA PRO D 16 31.83 -7.13 -9.29
C PRO D 16 30.60 -6.28 -8.96
N LEU D 17 29.42 -6.84 -9.21
CA LEU D 17 28.15 -6.28 -8.71
C LEU D 17 27.73 -7.15 -7.55
N ILE D 18 27.54 -6.56 -6.37
CA ILE D 18 27.35 -7.32 -5.15
C ILE D 18 26.11 -6.86 -4.41
N ASP D 19 25.31 -7.82 -3.97
CA ASP D 19 24.10 -7.55 -3.21
C ASP D 19 24.51 -7.34 -1.75
N PHE D 20 24.52 -6.09 -1.31
CA PHE D 20 24.96 -5.77 0.04
C PHE D 20 24.01 -6.28 1.12
N SER D 21 22.71 -6.46 0.79
CA SER D 21 21.74 -6.98 1.76
C SER D 21 22.06 -8.41 2.19
N LYS D 22 22.79 -9.15 1.35
CA LYS D 22 23.23 -10.51 1.72
C LYS D 22 24.34 -10.47 2.78
N PHE D 23 25.04 -9.34 2.90
CA PHE D 23 26.01 -9.18 3.98
C PHE D 23 25.32 -8.74 5.27
N LEU D 24 24.37 -7.82 5.15
CA LEU D 24 23.66 -7.30 6.33
C LEU D 24 22.58 -8.25 6.85
N GLU D 25 21.83 -8.90 5.96
CA GLU D 25 20.68 -9.73 6.35
C GLU D 25 20.92 -11.24 6.27
N GLY D 26 21.98 -11.67 5.60
CA GLY D 26 22.19 -13.10 5.36
C GLY D 26 22.56 -13.88 6.61
N ASP D 27 22.50 -15.20 6.52
CA ASP D 27 23.04 -16.06 7.57
C ASP D 27 24.57 -16.02 7.52
N GLU D 28 25.22 -16.54 8.55
CA GLU D 28 26.68 -16.40 8.72
C GLU D 28 27.50 -16.82 7.49
N THR D 29 27.12 -17.93 6.87
CA THR D 29 27.82 -18.44 5.69
C THR D 29 27.72 -17.47 4.52
N LEU D 30 26.51 -16.97 4.27
CA LEU D 30 26.27 -16.04 3.17
C LEU D 30 26.90 -14.68 3.44
N LYS D 31 26.86 -14.22 4.70
CA LYS D 31 27.52 -12.98 5.11
C LYS D 31 29.01 -13.05 4.78
N LEU D 32 29.63 -14.16 5.14
CA LEU D 32 31.06 -14.39 4.93
C LEU D 32 31.43 -14.45 3.45
N GLU D 33 30.65 -15.20 2.67
CA GLU D 33 30.84 -15.32 1.23
C GLU D 33 30.73 -13.94 0.55
N THR D 34 29.74 -13.15 0.96
CA THR D 34 29.54 -11.81 0.42
C THR D 34 30.68 -10.86 0.83
N ALA D 35 31.12 -10.95 2.08
CA ALA D 35 32.25 -10.17 2.56
C ALA D 35 33.51 -10.47 1.78
N LYS D 36 33.76 -11.76 1.52
CA LYS D 36 34.92 -12.20 0.74
C LYS D 36 34.91 -11.61 -0.68
N ALA D 37 33.71 -11.54 -1.28
CA ALA D 37 33.55 -11.00 -2.63
C ALA D 37 33.73 -9.49 -2.65
N ILE D 38 33.27 -8.82 -1.59
CA ILE D 38 33.53 -7.39 -1.42
C ILE D 38 35.05 -7.14 -1.34
N LEU D 39 35.73 -7.87 -0.46
CA LEU D 39 37.17 -7.71 -0.27
C LEU D 39 37.93 -8.02 -1.57
N HIS D 40 37.58 -9.13 -2.20
CA HIS D 40 38.22 -9.53 -3.44
C HIS D 40 38.17 -8.39 -4.49
N GLY D 41 36.99 -7.79 -4.66
CA GLY D 41 36.83 -6.64 -5.53
C GLY D 41 37.84 -5.52 -5.23
N PHE D 42 37.96 -5.18 -3.95
CA PHE D 42 38.87 -4.14 -3.49
C PHE D 42 40.34 -4.50 -3.67
N GLN D 43 40.65 -5.80 -3.60
CA GLN D 43 42.02 -6.29 -3.73
C GLN D 43 42.49 -6.39 -5.18
N THR D 44 41.58 -6.22 -6.14
CA THR D 44 41.88 -6.47 -7.53
C THR D 44 41.54 -5.22 -8.35
N ALA D 45 40.26 -4.94 -8.54
CA ALA D 45 39.83 -3.74 -9.26
C ALA D 45 40.00 -2.46 -8.45
N GLY D 46 39.87 -2.57 -7.12
CA GLY D 46 39.84 -1.40 -6.25
C GLY D 46 38.48 -0.75 -6.24
N PHE D 47 37.56 -1.28 -7.05
CA PHE D 47 36.21 -0.77 -7.22
C PHE D 47 35.21 -1.92 -7.12
N ILE D 48 34.06 -1.67 -6.52
CA ILE D 48 32.92 -2.58 -6.61
C ILE D 48 31.64 -1.78 -6.86
N TYR D 49 30.60 -2.46 -7.34
CA TYR D 49 29.25 -1.92 -7.36
C TYR D 49 28.46 -2.61 -6.26
N LEU D 50 27.74 -1.84 -5.45
CA LEU D 50 26.85 -2.43 -4.45
C LEU D 50 25.40 -2.14 -4.79
N LYS D 51 24.57 -3.17 -4.75
CA LYS D 51 23.12 -3.01 -4.91
C LYS D 51 22.41 -3.44 -3.62
N ASN D 52 21.14 -3.06 -3.51
CA ASN D 52 20.34 -3.30 -2.31
C ASN D 52 21.05 -2.85 -1.03
N ILE D 53 21.44 -1.59 -1.00
CA ILE D 53 22.03 -0.95 0.18
C ILE D 53 20.92 -0.36 1.04
N PRO D 54 21.18 -0.11 2.34
CA PRO D 54 20.14 0.42 3.23
C PRO D 54 19.56 1.78 2.81
N ILE D 55 20.29 2.53 1.98
CA ILE D 55 19.79 3.79 1.44
C ILE D 55 18.74 3.50 0.36
N GLN D 56 17.52 4.00 0.55
CA GLN D 56 16.42 3.71 -0.35
C GLN D 56 16.40 4.62 -1.59
N PRO D 57 15.98 4.08 -2.75
CA PRO D 57 15.95 4.77 -4.06
C PRO D 57 15.24 6.12 -4.07
N ASP D 58 14.02 6.17 -3.51
CA ASP D 58 13.22 7.40 -3.55
C ASP D 58 13.89 8.52 -2.76
N PHE D 59 14.49 8.18 -1.63
CA PHE D 59 15.25 9.17 -0.85
C PHE D 59 16.47 9.66 -1.61
N ARG D 60 17.23 8.73 -2.16
CA ARG D 60 18.35 9.06 -3.03
C ARG D 60 17.91 9.97 -4.18
N GLU D 61 16.81 9.60 -4.82
CA GLU D 61 16.22 10.43 -5.89
C GLU D 61 15.91 11.83 -5.37
N HIS D 62 15.36 11.91 -4.15
CA HIS D 62 15.07 13.19 -3.50
C HIS D 62 16.34 14.02 -3.24
N VAL D 63 17.43 13.36 -2.87
CA VAL D 63 18.70 14.04 -2.60
C VAL D 63 19.30 14.65 -3.88
N PHE D 64 19.16 13.95 -5.00
CA PHE D 64 19.64 14.44 -6.30
C PHE D 64 18.85 15.65 -6.81
N ASN D 65 17.54 15.66 -6.57
CA ASN D 65 16.71 16.83 -6.91
C ASN D 65 17.05 18.03 -6.03
N THR D 66 17.34 17.75 -4.76
CA THR D 66 17.77 18.79 -3.82
C THR D 66 19.14 19.36 -4.20
N SER D 67 20.01 18.51 -4.74
CA SER D 67 21.31 18.94 -5.24
C SER D 67 21.14 19.80 -6.48
N ALA D 68 20.35 19.31 -7.43
CA ALA D 68 20.07 20.03 -8.67
C ALA D 68 19.61 21.47 -8.38
N LYS D 69 18.74 21.63 -7.39
CA LYS D 69 18.21 22.94 -7.02
C LYS D 69 19.29 23.92 -6.53
N PHE D 70 20.26 23.41 -5.76
CA PHE D 70 21.37 24.24 -5.29
C PHE D 70 22.22 24.77 -6.45
N PHE D 71 22.51 23.88 -7.41
CA PHE D 71 23.34 24.26 -8.56
C PHE D 71 22.60 25.16 -9.56
N LYS D 72 21.27 25.15 -9.52
CA LYS D 72 20.46 26.07 -10.33
C LYS D 72 20.46 27.51 -9.82
N LEU D 73 20.99 27.73 -8.61
CA LEU D 73 21.22 29.07 -8.09
C LEU D 73 22.09 29.90 -9.03
N PRO D 74 21.91 31.24 -9.02
CA PRO D 74 22.81 32.10 -9.79
C PRO D 74 24.24 32.05 -9.23
N LYS D 75 25.22 32.20 -10.12
CA LYS D 75 26.63 32.02 -9.78
C LYS D 75 27.11 32.84 -8.57
N GLU D 76 26.42 33.95 -8.29
CA GLU D 76 26.80 34.84 -7.19
C GLU D 76 26.50 34.23 -5.81
N LYS D 77 25.30 33.68 -5.64
CA LYS D 77 24.88 33.13 -4.35
C LYS D 77 25.62 31.82 -4.03
N LYS D 78 26.06 31.10 -5.05
CA LYS D 78 26.88 29.90 -4.85
C LYS D 78 28.29 30.26 -4.36
N LEU D 79 28.80 31.42 -4.76
CA LEU D 79 30.09 31.92 -4.26
C LEU D 79 30.02 32.44 -2.82
N GLU D 80 28.84 32.83 -2.34
CA GLU D 80 28.66 33.26 -0.95
C GLU D 80 28.98 32.14 0.05
N VAL D 81 28.80 30.89 -0.39
CA VAL D 81 29.13 29.72 0.42
C VAL D 81 30.36 29.02 -0.15
N GLY D 82 31.38 29.82 -0.46
CA GLY D 82 32.57 29.34 -1.16
C GLY D 82 33.56 28.57 -0.30
N TRP D 83 34.34 27.71 -0.96
CA TRP D 83 35.41 26.93 -0.32
C TRP D 83 36.49 27.88 0.16
N THR D 84 37.09 27.59 1.32
CA THR D 84 38.10 28.46 1.91
C THR D 84 39.46 27.78 2.05
N THR D 85 39.55 26.80 2.96
CA THR D 85 40.84 26.21 3.33
C THR D 85 40.87 24.68 3.18
N PRO D 86 42.08 24.09 3.03
CA PRO D 86 42.24 22.64 3.03
C PRO D 86 41.87 21.94 4.35
N GLU D 87 42.18 22.59 5.47
CA GLU D 87 41.88 22.03 6.80
C GLU D 87 40.38 22.07 7.16
N ALA D 88 39.63 22.92 6.45
CA ALA D 88 38.16 22.97 6.59
C ALA D 88 37.50 22.03 5.58
N ASN D 89 37.84 22.20 4.31
CA ASN D 89 37.42 21.29 3.24
C ASN D 89 35.89 21.27 3.05
N ARG D 90 35.30 22.46 2.99
CA ARG D 90 33.84 22.63 2.98
C ARG D 90 33.42 23.82 2.13
N GLY D 91 32.31 23.67 1.40
CA GLY D 91 31.74 24.78 0.64
C GLY D 91 31.70 24.56 -0.87
N TYR D 92 31.13 25.53 -1.57
CA TYR D 92 31.03 25.49 -3.04
C TYR D 92 32.37 25.83 -3.69
N SER D 93 32.62 25.26 -4.87
CA SER D 93 33.76 25.66 -5.69
C SER D 93 33.59 25.25 -7.16
N ALA D 94 34.35 25.92 -8.03
CA ALA D 94 34.41 25.59 -9.45
C ALA D 94 35.85 25.73 -9.92
N PRO D 95 36.32 24.84 -10.83
CA PRO D 95 37.65 25.04 -11.39
C PRO D 95 37.74 26.32 -12.22
N GLY D 96 38.43 27.32 -11.68
CA GLY D 96 38.66 28.58 -12.40
C GLY D 96 39.82 28.43 -13.38
N ARG D 97 40.00 29.45 -14.21
CA ARG D 97 41.13 29.51 -15.13
C ARG D 97 42.28 30.26 -14.48
N GLU D 98 43.47 29.67 -14.48
CA GLU D 98 44.68 30.31 -13.97
C GLU D 98 45.02 31.51 -14.84
N LYS D 99 45.32 32.64 -14.20
CA LYS D 99 45.58 33.89 -14.92
C LYS D 99 47.07 34.16 -15.09
N VAL D 100 47.45 34.62 -16.28
CA VAL D 100 48.82 35.05 -16.54
C VAL D 100 49.06 36.35 -15.81
N THR D 101 50.22 36.44 -15.16
CA THR D 101 50.61 37.62 -14.40
C THR D 101 52.08 37.93 -14.65
N GLN D 102 52.50 39.11 -14.22
CA GLN D 102 53.91 39.50 -14.23
C GLN D 102 54.79 38.51 -13.47
N LEU D 103 54.18 37.75 -12.55
CA LEU D 103 54.90 36.80 -11.70
C LEU D 103 55.12 35.42 -12.34
N THR D 104 54.33 35.06 -13.36
CA THR D 104 54.36 33.69 -13.91
C THR D 104 55.61 33.39 -14.72
N ASP D 105 55.96 32.10 -14.76
CA ASP D 105 57.11 31.63 -15.51
C ASP D 105 56.76 31.68 -17.01
N PRO D 106 57.62 32.34 -17.81
CA PRO D 106 57.43 32.45 -19.27
C PRO D 106 57.13 31.13 -19.99
N ALA D 107 57.74 30.03 -19.54
CA ALA D 107 57.54 28.72 -20.16
C ALA D 107 56.14 28.13 -19.92
N GLU D 108 55.47 28.59 -18.87
CA GLU D 108 54.13 28.12 -18.52
C GLU D 108 53.00 28.94 -19.17
N ILE D 109 53.34 30.09 -19.73
CA ILE D 109 52.33 31.02 -20.27
C ILE D 109 51.45 30.37 -21.34
N GLU D 110 52.03 29.52 -22.18
CA GLU D 110 51.28 28.86 -23.25
C GLU D 110 50.37 27.76 -22.71
N LYS D 111 50.88 26.99 -21.75
CA LYS D 111 50.06 25.97 -21.07
C LYS D 111 48.86 26.61 -20.37
N ILE D 112 49.12 27.71 -19.68
CA ILE D 112 48.08 28.43 -18.96
C ILE D 112 46.99 28.95 -19.91
N ARG D 113 47.42 29.56 -21.02
CA ARG D 113 46.48 30.08 -22.02
C ARG D 113 45.68 28.98 -22.72
N SER D 114 46.29 27.81 -22.92
CA SER D 114 45.63 26.71 -23.63
C SER D 114 44.92 25.73 -22.68
N ALA D 115 45.03 25.94 -21.38
CA ALA D 115 44.46 25.03 -20.39
C ALA D 115 42.94 24.88 -20.56
N ALA D 116 42.42 23.72 -20.16
CA ALA D 116 41.00 23.42 -20.30
C ALA D 116 40.45 22.85 -18.99
N PRO D 117 40.02 23.74 -18.06
CA PRO D 117 39.48 23.29 -16.77
C PRO D 117 38.35 22.26 -16.89
N ASP D 118 38.29 21.37 -15.91
CA ASP D 118 37.24 20.37 -15.85
C ASP D 118 35.88 21.08 -15.85
N ILE D 119 34.95 20.59 -16.67
CA ILE D 119 33.64 21.21 -16.80
C ILE D 119 32.76 20.74 -15.63
N LYS D 120 33.05 21.23 -14.43
CA LYS D 120 32.32 20.79 -13.24
C LYS D 120 32.22 21.87 -12.18
N GLU D 121 31.31 21.65 -11.24
CA GLU D 121 31.26 22.41 -10.01
C GLU D 121 30.87 21.46 -8.88
N SER D 122 31.11 21.90 -7.65
CA SER D 122 30.90 21.05 -6.49
C SER D 122 30.47 21.84 -5.27
N TYR D 123 29.95 21.12 -4.29
CA TYR D 123 29.62 21.68 -2.99
C TYR D 123 29.88 20.59 -1.97
N GLU D 124 30.81 20.84 -1.06
CA GLU D 124 31.21 19.85 -0.07
C GLU D 124 30.65 20.17 1.32
N ILE D 125 30.40 19.10 2.08
CA ILE D 125 29.76 19.18 3.39
C ILE D 125 30.45 18.20 4.33
N GLY D 126 30.86 18.66 5.50
CA GLY D 126 31.47 17.81 6.52
C GLY D 126 30.50 17.53 7.64
N ARG D 127 30.96 16.89 8.70
CA ARG D 127 30.12 16.67 9.88
C ARG D 127 29.86 18.01 10.58
N GLU D 128 28.70 18.12 11.24
CA GLU D 128 28.29 19.37 11.89
C GLU D 128 29.09 19.66 13.16
N ASP D 129 29.38 18.61 13.93
CA ASP D 129 29.93 18.75 15.28
C ASP D 129 31.45 18.89 15.31
N GLU D 130 32.02 19.67 14.39
CA GLU D 130 33.47 19.86 14.33
C GLU D 130 33.85 21.28 14.75
N PRO D 131 34.43 21.42 15.95
CA PRO D 131 34.87 22.73 16.45
C PRO D 131 35.73 23.52 15.46
N GLY D 132 35.27 24.72 15.10
CA GLY D 132 36.03 25.62 14.25
C GLY D 132 36.09 25.27 12.77
N HIS D 133 35.21 24.38 12.31
CA HIS D 133 35.08 24.07 10.89
C HIS D 133 33.61 23.87 10.53
N PRO D 134 32.83 24.97 10.55
CA PRO D 134 31.40 24.88 10.25
C PRO D 134 31.10 24.80 8.75
N ASN D 135 30.00 24.15 8.40
CA ASN D 135 29.53 24.08 7.02
C ASN D 135 28.89 25.41 6.61
N PRO D 136 29.35 26.01 5.50
CA PRO D 136 28.67 27.22 5.02
C PRO D 136 27.39 26.87 4.29
N TRP D 137 26.31 26.70 5.06
CA TRP D 137 25.00 26.39 4.51
C TRP D 137 24.41 27.59 3.78
N PRO D 138 23.75 27.34 2.62
CA PRO D 138 23.12 28.45 1.90
C PRO D 138 21.81 28.87 2.56
N ALA D 139 21.40 30.11 2.31
CA ALA D 139 20.14 30.63 2.84
C ALA D 139 18.99 29.74 2.37
N GLU D 140 18.13 29.33 3.30
CA GLU D 140 17.00 28.46 2.99
C GLU D 140 15.78 29.28 2.59
N GLN D 141 15.63 29.48 1.28
CA GLN D 141 14.51 30.23 0.72
C GLN D 141 14.16 29.70 -0.68
N ASP D 142 12.91 29.87 -1.07
CA ASP D 142 12.37 29.32 -2.32
C ASP D 142 12.73 27.82 -2.32
N ASP D 143 13.39 27.33 -3.36
CA ASP D 143 13.58 25.90 -3.58
C ASP D 143 14.55 25.21 -2.60
N LEU D 144 15.28 25.99 -1.82
CA LEU D 144 16.34 25.47 -0.95
C LEU D 144 15.91 25.16 0.49
N VAL D 145 14.63 25.38 0.81
CA VAL D 145 14.13 25.05 2.15
C VAL D 145 14.14 23.53 2.30
N GLY D 146 14.84 23.02 3.32
CA GLY D 146 15.02 21.58 3.50
C GLY D 146 16.34 21.05 2.94
N PHE D 147 17.13 21.92 2.33
CA PHE D 147 18.43 21.54 1.78
C PHE D 147 19.34 20.97 2.87
N LYS D 148 19.45 21.71 3.99
CA LYS D 148 20.30 21.33 5.11
C LYS D 148 19.92 19.99 5.73
N SER D 149 18.63 19.82 6.04
CA SER D 149 18.16 18.62 6.73
C SER D 149 18.20 17.39 5.81
N THR D 150 18.03 17.60 4.50
CA THR D 150 18.17 16.52 3.54
C THR D 150 19.62 16.06 3.45
N MET D 151 20.54 17.01 3.31
CA MET D 151 21.96 16.68 3.19
C MET D 151 22.55 16.08 4.46
N ASN D 152 22.15 16.60 5.62
CA ASN D 152 22.56 16.01 6.90
C ASN D 152 22.04 14.59 7.07
N ASN D 153 20.79 14.36 6.68
CA ASN D 153 20.24 13.01 6.72
C ASN D 153 21.04 12.08 5.82
N PHE D 154 21.36 12.55 4.61
CA PHE D 154 22.12 11.74 3.64
C PHE D 154 23.56 11.49 4.13
N PHE D 155 24.18 12.52 4.69
CA PHE D 155 25.52 12.42 5.27
C PHE D 155 25.56 11.31 6.31
N ASP D 156 24.53 11.26 7.17
CA ASP D 156 24.46 10.27 8.25
C ASP D 156 24.14 8.86 7.76
N GLN D 157 23.37 8.75 6.67
CA GLN D 157 23.10 7.44 6.08
C GLN D 157 24.34 6.88 5.38
N CYS D 158 25.10 7.75 4.71
CA CYS D 158 26.38 7.36 4.12
C CYS D 158 27.39 7.00 5.21
N LYS D 159 27.40 7.78 6.28
CA LYS D 159 28.23 7.52 7.46
C LYS D 159 28.00 6.10 7.99
N ALA D 160 26.73 5.70 8.07
CA ALA D 160 26.36 4.36 8.51
C ALA D 160 26.81 3.29 7.52
N LEU D 161 26.66 3.58 6.23
CA LEU D 161 27.04 2.61 5.18
C LEU D 161 28.55 2.37 5.19
N HIS D 162 29.33 3.43 5.37
CA HIS D 162 30.79 3.33 5.49
C HIS D 162 31.22 2.34 6.56
N ILE D 163 30.62 2.43 7.74
CA ILE D 163 30.95 1.52 8.83
C ILE D 163 30.68 0.07 8.42
N GLU D 164 29.57 -0.16 7.72
CA GLU D 164 29.19 -1.51 7.32
C GLU D 164 30.13 -2.06 6.23
N VAL D 165 30.55 -1.21 5.31
CA VAL D 165 31.51 -1.62 4.26
C VAL D 165 32.86 -2.03 4.87
N MET D 166 33.32 -1.31 5.88
CA MET D 166 34.57 -1.67 6.56
C MET D 166 34.43 -2.98 7.33
N ARG D 167 33.25 -3.21 7.91
CA ARG D 167 32.96 -4.49 8.56
C ARG D 167 32.98 -5.64 7.56
N ALA D 168 32.47 -5.41 6.35
CA ALA D 168 32.54 -6.41 5.29
C ALA D 168 34.00 -6.71 4.91
N ILE D 169 34.81 -5.66 4.83
CA ILE D 169 36.24 -5.82 4.56
C ILE D 169 36.89 -6.62 5.69
N ALA D 170 36.56 -6.27 6.93
CA ALA D 170 37.07 -6.97 8.11
C ALA D 170 36.68 -8.44 8.09
N VAL D 171 35.39 -8.72 7.94
CA VAL D 171 34.90 -10.10 7.90
C VAL D 171 35.55 -10.86 6.75
N GLY D 172 35.62 -10.22 5.59
CA GLY D 172 36.32 -10.78 4.44
C GLY D 172 37.78 -11.10 4.74
N MET D 173 38.44 -10.24 5.53
CA MET D 173 39.84 -10.46 5.92
C MET D 173 40.01 -11.56 6.96
N GLY D 174 38.92 -11.91 7.64
CA GLY D 174 38.95 -12.92 8.69
C GLY D 174 39.51 -12.34 9.98
N ILE D 175 39.41 -11.01 10.13
CA ILE D 175 39.75 -10.33 11.37
C ILE D 175 38.45 -10.02 12.12
N ASP D 176 38.57 -9.51 13.34
CA ASP D 176 37.39 -9.08 14.11
C ASP D 176 36.54 -8.18 13.24
N ALA D 177 35.25 -8.49 13.17
CA ALA D 177 34.32 -7.76 12.30
C ALA D 177 34.24 -6.28 12.63
N ASN D 178 34.52 -5.93 13.88
CA ASN D 178 34.47 -4.54 14.35
C ASN D 178 35.85 -3.88 14.43
N TYR D 179 36.87 -4.49 13.83
CA TYR D 179 38.22 -3.95 13.88
C TYR D 179 38.29 -2.45 13.51
N PHE D 180 37.56 -2.05 12.47
CA PHE D 180 37.67 -0.68 11.97
C PHE D 180 36.83 0.35 12.75
N ASP D 181 35.88 -0.10 13.56
CA ASP D 181 34.97 0.80 14.28
C ASP D 181 35.70 1.96 14.97
N SER D 182 36.71 1.64 15.76
CA SER D 182 37.42 2.67 16.53
C SER D 182 38.30 3.57 15.68
N PHE D 183 38.62 3.15 14.47
CA PHE D 183 39.43 3.95 13.54
C PHE D 183 38.58 4.95 12.76
N VAL D 184 37.27 4.75 12.72
CA VAL D 184 36.39 5.53 11.84
C VAL D 184 35.13 6.12 12.51
N ASP D 185 34.95 5.91 13.80
CA ASP D 185 33.68 6.26 14.48
C ASP D 185 33.39 7.76 14.60
N VAL D 186 34.40 8.61 14.38
CA VAL D 186 34.20 10.06 14.42
C VAL D 186 33.41 10.56 13.20
N GLY D 187 33.60 9.91 12.06
CA GLY D 187 32.91 10.27 10.84
C GLY D 187 33.49 11.49 10.16
N ASP D 188 34.82 11.58 10.10
CA ASP D 188 35.50 12.69 9.45
C ASP D 188 35.40 12.54 7.93
N ASN D 189 34.18 12.62 7.43
CA ASN D 189 33.88 12.34 6.03
C ASN D 189 33.41 13.59 5.34
N ILE D 190 33.52 13.60 4.01
CA ILE D 190 33.12 14.74 3.20
C ILE D 190 32.11 14.29 2.15
N LEU D 191 30.90 14.83 2.25
CA LEU D 191 29.87 14.64 1.24
C LEU D 191 30.05 15.71 0.17
N ARG D 192 30.42 15.28 -1.04
CA ARG D 192 30.65 16.19 -2.17
C ARG D 192 29.53 16.07 -3.19
N LEU D 193 28.72 17.12 -3.32
CA LEU D 193 27.72 17.21 -4.38
C LEU D 193 28.43 17.64 -5.65
N LEU D 194 28.21 16.92 -6.75
CA LEU D 194 28.87 17.21 -8.02
C LEU D 194 27.85 17.52 -9.10
N HIS D 195 28.17 18.51 -9.93
CA HIS D 195 27.34 18.84 -11.08
C HIS D 195 28.23 19.17 -12.27
N TYR D 196 28.07 18.38 -13.33
CA TYR D 196 28.76 18.61 -14.60
C TYR D 196 27.73 19.19 -15.57
N PRO D 197 27.81 20.51 -15.88
CA PRO D 197 26.80 21.14 -16.71
C PRO D 197 26.65 20.53 -18.11
N ALA D 198 25.56 20.86 -18.79
CA ALA D 198 25.35 20.43 -20.16
C ALA D 198 26.45 21.00 -21.04
N VAL D 199 26.91 20.21 -22.01
CA VAL D 199 28.04 20.59 -22.85
C VAL D 199 27.94 19.95 -24.23
N LYS D 200 28.39 20.67 -25.26
CA LYS D 200 28.37 20.19 -26.64
C LYS D 200 29.52 19.24 -26.93
N SER D 201 29.24 18.20 -27.72
CA SER D 201 30.27 17.28 -28.21
C SER D 201 31.39 18.04 -28.94
N GLU D 202 31.01 19.11 -29.63
CA GLU D 202 31.94 20.00 -30.32
C GLU D 202 33.12 20.47 -29.46
N VAL D 203 32.87 20.69 -28.17
CA VAL D 203 33.92 21.11 -27.24
C VAL D 203 35.04 20.07 -27.19
N PHE D 204 34.68 18.80 -27.25
CA PHE D 204 35.65 17.70 -27.21
C PHE D 204 36.29 17.43 -28.57
N LYS D 205 35.71 17.98 -29.63
CA LYS D 205 36.32 17.96 -30.97
C LYS D 205 37.26 19.14 -31.13
N ILE D 206 36.88 20.29 -30.57
CA ILE D 206 37.75 21.46 -30.52
C ILE D 206 38.94 21.19 -29.59
N ASN D 207 38.66 20.73 -28.38
CA ASN D 207 39.71 20.42 -27.40
C ASN D 207 39.95 18.91 -27.27
N PRO D 208 41.21 18.47 -27.45
CA PRO D 208 41.50 17.04 -27.42
C PRO D 208 41.38 16.44 -26.02
N GLY D 209 42.10 17.01 -25.06
CA GLY D 209 42.14 16.49 -23.70
C GLY D 209 41.14 17.11 -22.74
N GLN D 210 40.04 17.65 -23.28
CA GLN D 210 38.98 18.21 -22.45
C GLN D 210 38.21 17.06 -21.79
N VAL D 211 37.89 17.26 -20.51
CA VAL D 211 37.45 16.20 -19.64
C VAL D 211 36.57 16.79 -18.53
N ARG D 212 35.56 16.04 -18.10
CA ARG D 212 34.64 16.49 -17.04
C ARG D 212 35.28 16.39 -15.66
N ALA D 213 36.07 15.34 -15.43
CA ALA D 213 36.87 15.23 -14.21
C ALA D 213 38.23 14.58 -14.53
N GLY D 214 39.31 15.26 -14.18
CA GLY D 214 40.67 14.79 -14.49
C GLY D 214 41.02 13.49 -13.79
N GLU D 215 41.95 12.73 -14.37
CA GLU D 215 42.33 11.44 -13.82
C GLU D 215 43.03 11.62 -12.47
N HIS D 216 42.72 10.72 -11.54
CA HIS D 216 43.22 10.83 -10.18
C HIS D 216 42.90 9.55 -9.40
N THR D 217 43.55 9.41 -8.25
CA THR D 217 43.10 8.46 -7.24
C THR D 217 42.57 9.27 -6.07
N ASP D 218 41.58 8.71 -5.37
CA ASP D 218 41.05 9.35 -4.16
C ASP D 218 42.05 9.21 -3.03
N TYR D 219 42.01 10.18 -2.11
CA TYR D 219 42.99 10.28 -1.02
C TYR D 219 42.65 9.39 0.17
N GLY D 220 41.35 9.28 0.46
CA GLY D 220 40.87 8.71 1.72
C GLY D 220 40.88 7.19 1.80
N SER D 221 39.96 6.64 2.58
CA SER D 221 39.89 5.20 2.78
C SER D 221 38.92 4.55 1.80
N ILE D 222 37.64 4.91 1.86
CA ILE D 222 36.72 4.53 0.80
C ILE D 222 35.85 5.69 0.32
N THR D 223 35.34 5.55 -0.91
CA THR D 223 34.48 6.54 -1.51
C THR D 223 33.18 5.88 -1.99
N LEU D 224 32.05 6.40 -1.50
CA LEU D 224 30.74 5.96 -1.93
C LEU D 224 30.27 6.90 -3.04
N LEU D 225 30.19 6.41 -4.26
CA LEU D 225 29.82 7.23 -5.39
C LEU D 225 28.44 6.86 -5.95
N PHE D 226 27.52 7.80 -5.84
CA PHE D 226 26.19 7.68 -6.42
C PHE D 226 26.19 8.47 -7.72
N GLN D 227 25.99 7.79 -8.85
CA GLN D 227 25.93 8.45 -10.15
C GLN D 227 24.55 8.29 -10.77
N ASP D 228 24.15 9.26 -11.59
CA ASP D 228 22.93 9.15 -12.39
C ASP D 228 23.22 8.29 -13.63
N SER D 229 22.33 8.31 -14.61
CA SER D 229 22.43 7.43 -15.77
C SER D 229 23.24 8.00 -16.96
N ARG D 230 23.77 9.21 -16.84
CA ARG D 230 24.46 9.85 -17.97
C ARG D 230 25.65 9.05 -18.47
N GLY D 231 26.48 8.58 -17.56
CA GLY D 231 27.69 7.84 -17.92
C GLY D 231 28.87 8.78 -18.04
N GLY D 232 30.06 8.21 -18.25
CA GLY D 232 31.30 8.99 -18.34
C GLY D 232 32.39 8.57 -17.36
N LEU D 233 32.00 7.98 -16.24
CA LEU D 233 32.98 7.48 -15.27
C LEU D 233 33.82 6.38 -15.93
N GLN D 234 35.14 6.48 -15.80
CA GLN D 234 36.05 5.48 -16.33
C GLN D 234 37.06 5.03 -15.27
N VAL D 235 37.32 3.72 -15.23
CA VAL D 235 38.25 3.14 -14.27
C VAL D 235 39.39 2.50 -15.06
N LYS D 236 40.62 2.78 -14.64
CA LYS D 236 41.78 2.34 -15.41
C LYS D 236 42.09 0.87 -15.13
N SER D 237 42.18 0.08 -16.20
CA SER D 237 42.43 -1.35 -16.09
C SER D 237 43.83 -1.61 -15.54
N PRO D 238 44.07 -2.85 -15.06
CA PRO D 238 45.43 -3.20 -14.66
C PRO D 238 46.41 -3.19 -15.83
N ASN D 239 45.91 -3.22 -17.06
CA ASN D 239 46.77 -3.20 -18.24
C ASN D 239 46.85 -1.83 -18.92
N GLY D 240 46.35 -0.78 -18.27
CA GLY D 240 46.68 0.60 -18.63
C GLY D 240 45.67 1.33 -19.49
N GLN D 241 44.45 0.79 -19.61
CA GLN D 241 43.41 1.41 -20.41
C GLN D 241 42.17 1.72 -19.58
N PHE D 242 41.58 2.89 -19.84
CA PHE D 242 40.34 3.31 -19.19
C PHE D 242 39.13 2.55 -19.71
N ILE D 243 38.37 1.97 -18.78
CA ILE D 243 37.20 1.18 -19.10
C ILE D 243 35.98 1.89 -18.52
N ASP D 244 34.90 1.93 -19.29
CA ASP D 244 33.67 2.60 -18.86
C ASP D 244 33.05 1.89 -17.65
N ALA D 245 32.79 2.66 -16.60
CA ALA D 245 32.01 2.18 -15.48
C ALA D 245 30.54 2.50 -15.75
N THR D 246 29.93 1.69 -16.61
CA THR D 246 28.53 1.85 -17.02
C THR D 246 27.61 2.02 -15.81
N PRO D 247 26.75 3.06 -15.82
CA PRO D 247 25.77 3.20 -14.74
C PRO D 247 24.83 2.01 -14.66
N ILE D 248 24.65 1.47 -13.45
CA ILE D 248 23.61 0.49 -13.20
C ILE D 248 22.68 1.09 -12.15
N GLU D 249 21.38 0.96 -12.41
CA GLU D 249 20.36 1.68 -11.64
C GLU D 249 20.31 1.20 -10.19
N ASN D 250 20.16 2.15 -9.28
CA ASN D 250 20.08 1.86 -7.85
C ASN D 250 21.29 1.09 -7.30
N THR D 251 22.48 1.41 -7.81
CA THR D 251 23.72 0.92 -7.24
C THR D 251 24.53 2.10 -6.70
N VAL D 252 25.48 1.77 -5.84
CA VAL D 252 26.49 2.72 -5.42
C VAL D 252 27.84 2.13 -5.84
N VAL D 253 28.68 2.97 -6.42
CA VAL D 253 30.01 2.55 -6.80
C VAL D 253 30.95 2.88 -5.66
N VAL D 254 31.66 1.86 -5.18
CA VAL D 254 32.55 2.01 -4.04
C VAL D 254 33.98 1.69 -4.47
N ASN D 255 34.89 2.61 -4.16
CA ASN D 255 36.30 2.40 -4.43
C ASN D 255 37.14 2.76 -3.22
N ALA D 256 38.33 2.16 -3.15
CA ALA D 256 39.27 2.45 -2.09
C ALA D 256 40.13 3.64 -2.48
N GLY D 257 40.53 4.44 -1.48
CA GLY D 257 41.43 5.56 -1.70
C GLY D 257 42.86 5.24 -1.31
N ASP D 258 43.76 6.19 -1.54
CA ASP D 258 45.18 6.00 -1.30
C ASP D 258 45.53 5.60 0.13
N LEU D 259 44.78 6.16 1.09
CA LEU D 259 45.06 5.89 2.49
C LEU D 259 44.71 4.44 2.87
N LEU D 260 43.63 3.90 2.30
CA LEU D 260 43.28 2.48 2.57
C LEU D 260 44.28 1.53 1.89
N ALA D 261 44.73 1.88 0.70
CA ALA D 261 45.78 1.12 0.03
C ALA D 261 47.00 1.00 0.93
N ARG D 262 47.44 2.13 1.45
CA ARG D 262 48.56 2.18 2.39
C ARG D 262 48.25 1.38 3.66
N TRP D 263 47.07 1.64 4.22
CA TRP D 263 46.60 0.97 5.44
C TRP D 263 46.67 -0.55 5.29
N SER D 264 46.28 -1.02 4.11
CA SER D 264 46.21 -2.45 3.81
C SER D 264 47.53 -3.06 3.36
N ASN D 265 48.63 -2.31 3.49
CA ASN D 265 49.94 -2.74 3.00
C ASN D 265 49.89 -3.08 1.51
N ASP D 266 49.14 -2.26 0.77
CA ASP D 266 48.92 -2.43 -0.68
C ASP D 266 48.21 -3.73 -1.08
N THR D 267 47.49 -4.37 -0.16
CA THR D 267 46.68 -5.53 -0.53
C THR D 267 45.36 -5.08 -1.15
N ILE D 268 44.94 -3.86 -0.82
CA ILE D 268 43.78 -3.23 -1.43
C ILE D 268 44.25 -2.12 -2.39
N LYS D 269 43.64 -2.08 -3.58
CA LYS D 269 44.10 -1.19 -4.65
C LYS D 269 43.36 0.15 -4.63
N SER D 270 44.10 1.23 -4.79
CA SER D 270 43.50 2.55 -5.02
C SER D 270 43.68 2.88 -6.50
N THR D 271 42.58 2.85 -7.23
CA THR D 271 42.62 2.76 -8.68
C THR D 271 42.35 4.10 -9.34
N VAL D 272 43.16 4.41 -10.36
CA VAL D 272 43.00 5.64 -11.15
C VAL D 272 41.66 5.64 -11.89
N HIS D 273 40.96 6.76 -11.81
CA HIS D 273 39.69 6.93 -12.50
C HIS D 273 39.47 8.37 -12.92
N ARG D 274 38.50 8.58 -13.78
CA ARG D 274 38.23 9.90 -14.35
C ARG D 274 36.81 9.95 -14.87
N VAL D 275 36.35 11.16 -15.20
CA VAL D 275 35.07 11.32 -15.87
C VAL D 275 35.32 12.02 -17.21
N VAL D 276 34.88 11.39 -18.29
CA VAL D 276 35.04 11.92 -19.64
C VAL D 276 33.66 12.13 -20.26
N GLU D 277 33.65 12.53 -21.53
CA GLU D 277 32.43 12.64 -22.34
C GLU D 277 31.61 11.34 -22.31
N PRO D 278 30.26 11.46 -22.24
CA PRO D 278 29.43 10.25 -22.24
C PRO D 278 29.59 9.40 -23.52
N PRO D 279 29.58 8.06 -23.39
CA PRO D 279 29.66 7.14 -24.53
C PRO D 279 28.65 7.40 -25.65
N LYS D 280 27.44 7.79 -25.29
CA LYS D 280 26.38 8.07 -26.28
C LYS D 280 26.75 9.14 -27.30
N GLN D 281 26.16 9.04 -28.50
CA GLN D 281 26.26 10.09 -29.52
C GLN D 281 25.12 11.08 -29.36
N GLU D 282 25.41 12.35 -29.62
CA GLU D 282 24.44 13.44 -29.51
C GLU D 282 25.18 14.76 -29.69
N ASP D 283 24.50 15.78 -30.21
CA ASP D 283 25.10 17.11 -30.35
C ASP D 283 25.26 17.78 -28.99
N VAL D 284 24.40 17.44 -28.04
CA VAL D 284 24.47 17.98 -26.68
C VAL D 284 24.39 16.86 -25.65
N HIS D 285 25.36 16.84 -24.72
CA HIS D 285 25.32 15.96 -23.57
C HIS D 285 24.64 16.71 -22.42
N PRO D 286 23.52 16.18 -21.90
CA PRO D 286 22.81 16.86 -20.81
C PRO D 286 23.61 16.91 -19.50
N PRO D 287 23.10 17.64 -18.50
CA PRO D 287 23.84 17.75 -17.24
C PRO D 287 24.03 16.39 -16.57
N ARG D 288 25.23 16.14 -16.05
CA ARG D 288 25.50 14.95 -15.25
C ARG D 288 25.60 15.33 -13.78
N TYR D 289 24.92 14.55 -12.93
CA TYR D 289 24.98 14.73 -11.48
C TYR D 289 25.53 13.47 -10.83
N SER D 290 26.39 13.66 -9.85
CA SER D 290 26.86 12.56 -9.02
C SER D 290 27.10 13.06 -7.60
N ILE D 291 27.23 12.13 -6.67
CA ILE D 291 27.55 12.47 -5.27
C ILE D 291 28.66 11.56 -4.78
N ALA D 292 29.81 12.15 -4.45
CA ALA D 292 30.93 11.41 -3.89
C ALA D 292 30.99 11.61 -2.40
N TYR D 293 30.78 10.54 -1.65
CA TYR D 293 30.93 10.58 -0.21
C TYR D 293 32.31 10.02 0.13
N PHE D 294 33.25 10.89 0.46
CA PHE D 294 34.61 10.50 0.79
C PHE D 294 34.71 10.13 2.26
N CYS D 295 34.98 8.85 2.52
CA CYS D 295 35.16 8.36 3.88
C CYS D 295 36.63 8.38 4.25
N ASN D 296 36.92 8.77 5.48
CA ASN D 296 38.28 8.79 5.99
C ASN D 296 38.34 8.17 7.39
N PRO D 297 39.54 7.71 7.80
CA PRO D 297 39.69 7.37 9.22
C PRO D 297 39.63 8.63 10.08
N ASN D 298 39.41 8.46 11.37
CA ASN D 298 39.47 9.57 12.32
C ASN D 298 40.79 10.29 12.19
N HIS D 299 40.76 11.62 12.29
CA HIS D 299 41.98 12.43 12.22
C HIS D 299 43.05 11.91 13.18
N LYS D 300 42.63 11.50 14.37
CA LYS D 300 43.55 11.02 15.41
C LYS D 300 44.08 9.60 15.17
N SER D 301 43.48 8.87 14.22
CA SER D 301 43.88 7.48 13.97
C SER D 301 45.30 7.34 13.41
N TYR D 302 45.99 6.30 13.87
CA TYR D 302 47.32 5.96 13.38
C TYR D 302 47.16 4.87 12.33
N ILE D 303 47.83 5.04 11.19
CA ILE D 303 47.67 4.14 10.05
C ILE D 303 48.94 3.32 9.83
N GLU D 304 48.85 2.04 10.15
CA GLU D 304 49.92 1.07 9.88
C GLU D 304 49.29 -0.23 9.40
N ALA D 305 50.11 -1.16 8.91
CA ALA D 305 49.60 -2.38 8.25
C ALA D 305 48.51 -3.08 9.06
N ILE D 306 47.36 -3.29 8.44
CA ILE D 306 46.26 -4.03 9.06
C ILE D 306 46.70 -5.49 9.26
N PRO D 307 46.36 -6.09 10.41
CA PRO D 307 46.79 -7.48 10.63
C PRO D 307 46.23 -8.43 9.57
N GLY D 308 47.07 -9.36 9.11
CA GLY D 308 46.71 -10.28 8.03
C GLY D 308 47.03 -9.77 6.63
N THR D 309 47.65 -8.61 6.52
CA THR D 309 48.04 -8.05 5.21
C THR D 309 49.54 -8.25 4.92
N TYR D 310 50.18 -9.10 5.71
CA TYR D 310 51.59 -9.41 5.56
C TYR D 310 51.89 -10.66 6.40
N ALA D 311 52.83 -11.49 5.95
CA ALA D 311 53.25 -12.64 6.74
C ALA D 311 54.45 -12.26 7.60
N ALA D 312 55.56 -11.92 6.96
CA ALA D 312 56.76 -11.50 7.65
C ALA D 312 56.77 -9.98 7.83
N GLU D 313 57.51 -9.51 8.82
CA GLU D 313 57.61 -8.09 9.10
C GLU D 313 58.32 -7.34 7.96
N SER D 314 59.18 -8.07 7.24
CA SER D 314 59.87 -7.55 6.06
C SER D 314 58.93 -7.10 4.93
N GLU D 315 57.71 -7.64 4.91
CA GLU D 315 56.70 -7.29 3.90
C GLU D 315 55.98 -5.97 4.17
N ARG D 316 56.10 -5.44 5.40
CA ARG D 316 55.56 -4.10 5.72
C ARG D 316 56.21 -3.05 4.83
N LYS D 317 55.43 -2.44 3.95
CA LYS D 317 55.99 -1.51 2.97
C LYS D 317 56.16 -0.08 3.50
N TYR D 318 55.37 0.33 4.49
CA TYR D 318 55.28 1.74 4.86
C TYR D 318 55.47 2.03 6.35
N GLU D 319 56.14 3.14 6.62
CA GLU D 319 56.17 3.75 7.96
C GLU D 319 54.75 4.11 8.37
N GLY D 320 54.44 4.00 9.66
CA GLY D 320 53.12 4.38 10.15
C GLY D 320 52.94 5.90 10.11
N ILE D 321 51.71 6.36 9.89
CA ILE D 321 51.41 7.79 9.85
C ILE D 321 50.08 8.14 10.50
N ASN D 322 49.95 9.39 10.89
CA ASN D 322 48.69 9.94 11.37
C ASN D 322 47.77 10.25 10.18
N SER D 323 46.51 9.84 10.29
CA SER D 323 45.51 10.01 9.22
C SER D 323 45.24 11.48 8.91
N GLY D 324 44.97 12.27 9.94
CA GLY D 324 44.70 13.69 9.79
C GLY D 324 45.86 14.42 9.13
N LYS D 325 47.06 14.23 9.65
CA LYS D 325 48.26 14.85 9.10
C LYS D 325 48.46 14.47 7.63
N TYR D 326 48.27 13.20 7.31
CA TYR D 326 48.40 12.73 5.93
C TYR D 326 47.41 13.42 4.98
N LEU D 327 46.16 13.54 5.41
CA LEU D 327 45.11 14.06 4.54
C LEU D 327 45.20 15.58 4.31
N VAL D 328 45.77 16.33 5.25
CA VAL D 328 45.98 17.78 5.02
C VAL D 328 47.19 18.03 4.12
N GLN D 329 48.21 17.18 4.20
CA GLN D 329 49.34 17.26 3.26
C GLN D 329 48.86 17.07 1.83
N ARG D 330 48.02 16.07 1.60
CA ARG D 330 47.44 15.81 0.27
C ARG D 330 46.57 16.98 -0.16
N LEU D 331 45.64 17.39 0.71
CA LEU D 331 44.69 18.47 0.39
C LEU D 331 45.36 19.83 0.18
N ALA D 332 46.42 20.10 0.95
CA ALA D 332 47.12 21.38 0.88
C ALA D 332 48.00 21.50 -0.36
N ALA D 333 48.65 20.40 -0.72
CA ALA D 333 49.58 20.39 -1.84
C ALA D 333 48.84 20.50 -3.18
#